data_3CQY
#
_entry.id   3CQY
#
_cell.length_a   147.816
_cell.length_b   147.816
_cell.length_c   117.687
_cell.angle_alpha   90.00
_cell.angle_beta   90.00
_cell.angle_gamma   90.00
#
_symmetry.space_group_name_H-M   'P 43 21 2'
#
loop_
_entity.id
_entity.type
_entity.pdbx_description
1 polymer 'Anhydro-N-acetylmuramic acid kinase'
2 non-polymer 'CHLORIDE ION'
3 non-polymer 'SUCCINIC ACID'
4 water water
#
_entity_poly.entity_id   1
_entity_poly.type   'polypeptide(L)'
_entity_poly.pdbx_seq_one_letter_code
;G(MSE)NKAYYIGL(MSE)SGTS(MSE)DGVDAVLVDFAGEQPQLIGTHTETIPTHLLKGLQRLCLPGTDEINRLGRLDR
SVGKLFALAVNNLLAKTKIAKDEIIAIGSHGQTVRH(MSE)PNLEVGFTLQIGDPNTIATETGIDVIADFRRKDIALGGQ
GAPLVPAFHQQTFAQVGKKRVILNIGGIANITYLPGNSEEVLGFDTGPGNTLIDAWVQQVKNESYDKNGAWAASGKTDPQ
LLAQLLSHPYFSLAYPKSTGRELFNQAWLEQQLSAFNQLNEEDIQSTLLDLTCHSIAQDILKLAQEGELFVCGGGAFNAE
L(MSE)QRLAALLPGYRIDTTSALGVDPKWAEGIAFAWLA(MSE)RYQLGLPANLPAVTGASREAILGGRFSAK
;
_entity_poly.pdbx_strand_id   A,B
#
loop_
_chem_comp.id
_chem_comp.type
_chem_comp.name
_chem_comp.formula
CL non-polymer 'CHLORIDE ION' 'Cl -1'
SIN non-polymer 'SUCCINIC ACID' 'C4 H6 O4'
#
# COMPACT_ATOMS: atom_id res chain seq x y z
N GLY A 1 0.39 18.68 -23.90
CA GLY A 1 0.63 19.79 -24.79
C GLY A 1 1.01 19.43 -26.21
N MSE A 2 1.22 20.45 -27.02
CA MSE A 2 1.58 20.26 -28.45
C MSE A 2 3.06 19.83 -28.71
O MSE A 2 3.99 20.65 -28.59
CB MSE A 2 1.21 21.50 -29.28
CG MSE A 2 1.83 21.52 -30.67
SE MSE A 2 0.86 20.54 -32.07
CE MSE A 2 0.74 18.77 -31.27
N ASN A 3 3.25 18.57 -29.12
CA ASN A 3 4.51 17.82 -28.92
C ASN A 3 5.27 18.14 -27.61
N LYS A 4 4.49 18.07 -26.54
CA LYS A 4 4.97 18.15 -25.18
C LYS A 4 4.58 16.82 -24.59
N ALA A 5 5.40 16.30 -23.68
CA ALA A 5 5.02 15.14 -22.91
C ALA A 5 5.32 15.44 -21.44
N TYR A 6 4.35 16.09 -20.80
CA TYR A 6 4.49 16.57 -19.43
C TYR A 6 4.23 15.50 -18.40
N TYR A 7 5.20 15.31 -17.51
CA TYR A 7 5.02 14.47 -16.32
C TYR A 7 5.37 15.24 -15.06
N ILE A 8 4.75 14.86 -13.95
CA ILE A 8 5.14 15.40 -12.67
C ILE A 8 5.89 14.31 -11.88
N GLY A 9 6.95 14.69 -11.18
CA GLY A 9 7.64 13.77 -10.25
C GLY A 9 7.53 14.28 -8.82
N LEU A 10 7.23 13.39 -7.88
CA LEU A 10 7.06 13.74 -6.46
C LEU A 10 7.95 12.86 -5.58
N MSE A 11 8.72 13.51 -4.72
CA MSE A 11 9.69 12.82 -3.87
C MSE A 11 9.70 13.52 -2.52
O MSE A 11 9.80 14.75 -2.43
CB MSE A 11 11.09 12.83 -4.53
CG MSE A 11 12.27 12.31 -3.65
SE MSE A 11 12.00 10.60 -2.66
CE MSE A 11 12.78 9.48 -4.01
N SER A 12 9.50 12.76 -1.47
CA SER A 12 9.69 13.28 -0.13
C SER A 12 10.71 12.42 0.58
N GLY A 13 11.90 12.99 0.71
CA GLY A 13 13.01 12.28 1.27
C GLY A 13 12.86 12.05 2.75
N THR A 14 13.66 11.10 3.19
CA THR A 14 13.74 10.64 4.55
C THR A 14 14.26 11.73 5.52
N SER A 15 14.87 12.76 4.96
CA SER A 15 15.40 13.86 5.75
C SER A 15 14.37 14.96 6.11
N MSE A 16 13.14 14.83 5.59
CA MSE A 16 12.01 15.70 5.94
C MSE A 16 12.12 17.13 5.43
O MSE A 16 11.53 18.04 6.00
CB MSE A 16 11.79 15.74 7.46
CG MSE A 16 11.64 14.40 8.13
SE MSE A 16 10.05 13.39 7.56
CE MSE A 16 11.06 11.93 6.75
N ASP A 17 12.90 17.34 4.38
CA ASP A 17 13.04 18.67 3.77
C ASP A 17 11.77 19.20 3.06
N GLY A 18 10.79 18.34 2.86
CA GLY A 18 9.55 18.71 2.19
C GLY A 18 9.24 17.79 1.02
N VAL A 19 8.06 17.97 0.43
CA VAL A 19 7.72 17.26 -0.80
C VAL A 19 8.23 18.09 -1.99
N ASP A 20 9.24 17.56 -2.68
CA ASP A 20 9.75 18.16 -3.89
C ASP A 20 8.90 17.71 -5.10
N ALA A 21 8.47 18.69 -5.88
CA ALA A 21 7.59 18.45 -7.01
C ALA A 21 8.19 19.09 -8.26
N VAL A 22 8.22 18.32 -9.34
CA VAL A 22 8.82 18.79 -10.59
C VAL A 22 7.87 18.55 -11.76
N LEU A 23 7.84 19.52 -12.65
CA LEU A 23 7.08 19.38 -13.87
C LEU A 23 8.15 19.29 -14.94
N VAL A 24 8.13 18.18 -15.68
CA VAL A 24 9.15 17.84 -16.68
C VAL A 24 8.51 17.50 -18.03
N ASP A 25 9.11 18.02 -19.09
CA ASP A 25 8.79 17.65 -20.46
C ASP A 25 9.82 16.64 -21.00
N PHE A 26 9.33 15.46 -21.40
CA PHE A 26 10.15 14.37 -21.92
C PHE A 26 9.97 14.16 -23.42
N ALA A 27 9.32 15.09 -24.12
CA ALA A 27 9.17 15.02 -25.57
C ALA A 27 10.49 15.06 -26.35
N GLY A 28 11.50 15.76 -25.81
CA GLY A 28 12.78 15.91 -26.50
C GLY A 28 13.80 14.85 -26.12
N GLU A 29 15.05 15.08 -26.53
CA GLU A 29 16.15 14.15 -26.26
C GLU A 29 16.58 14.15 -24.79
N GLN A 30 16.79 15.34 -24.23
CA GLN A 30 17.07 15.49 -22.80
C GLN A 30 15.80 15.92 -22.07
N PRO A 31 15.64 15.53 -20.79
CA PRO A 31 14.49 16.04 -20.02
C PRO A 31 14.56 17.57 -19.96
N GLN A 32 13.41 18.24 -20.05
CA GLN A 32 13.37 19.67 -19.90
C GLN A 32 12.58 20.00 -18.65
N LEU A 33 13.22 20.67 -17.71
CA LEU A 33 12.58 21.00 -16.44
C LEU A 33 11.78 22.26 -16.66
N ILE A 34 10.46 22.18 -16.41
CA ILE A 34 9.57 23.29 -16.67
C ILE A 34 9.32 24.11 -15.41
N GLY A 35 9.15 23.42 -14.28
CA GLY A 35 8.83 24.07 -13.03
C GLY A 35 9.15 23.20 -11.86
N THR A 36 9.36 23.83 -10.72
CA THR A 36 9.70 23.15 -9.47
C THR A 36 8.93 23.77 -8.28
N HIS A 37 8.80 22.99 -7.20
CA HIS A 37 8.11 23.40 -5.98
C HIS A 37 8.50 22.46 -4.83
N THR A 38 8.82 23.04 -3.67
CA THR A 38 8.89 22.29 -2.41
C THR A 38 7.68 22.60 -1.49
N GLU A 39 6.94 21.56 -1.14
CA GLU A 39 5.86 21.71 -0.18
C GLU A 39 6.42 21.32 1.19
N THR A 40 6.46 22.31 2.07
CA THR A 40 6.82 22.15 3.47
C THR A 40 5.91 21.12 4.19
N ILE A 41 6.53 20.17 4.88
CA ILE A 41 5.79 19.27 5.76
C ILE A 41 5.40 20.01 7.05
N PRO A 42 4.08 20.18 7.31
CA PRO A 42 3.65 20.93 8.52
C PRO A 42 4.15 20.21 9.77
N THR A 43 4.39 20.93 10.85
CA THR A 43 5.05 20.29 12.00
C THR A 43 4.19 19.19 12.68
N HIS A 44 2.86 19.34 12.70
CA HIS A 44 1.97 18.27 13.18
C HIS A 44 2.17 16.93 12.43
N LEU A 45 2.35 17.01 11.12
CA LEU A 45 2.59 15.83 10.29
C LEU A 45 4.02 15.31 10.44
N LEU A 46 4.97 16.22 10.59
CA LEU A 46 6.34 15.85 10.92
C LEU A 46 6.40 15.01 12.22
N LYS A 47 5.69 15.45 13.27
CA LYS A 47 5.65 14.75 14.54
C LYS A 47 5.01 13.36 14.44
N GLY A 48 3.90 13.29 13.68
CA GLY A 48 3.24 12.04 13.36
C GLY A 48 4.16 11.06 12.68
N LEU A 49 4.88 11.53 11.66
CA LEU A 49 5.83 10.69 10.92
C LEU A 49 6.96 10.17 11.81
N GLN A 50 7.45 11.02 12.72
CA GLN A 50 8.47 10.61 13.70
C GLN A 50 7.95 9.53 14.66
N ARG A 51 6.66 9.57 14.99
CA ARG A 51 6.08 8.61 15.94
C ARG A 51 5.98 7.18 15.41
N LEU A 52 6.20 7.00 14.12
CA LEU A 52 6.10 5.66 13.55
C LEU A 52 7.26 4.72 14.00
N CYS A 53 8.16 5.24 14.85
CA CYS A 53 9.28 4.46 15.48
C CYS A 53 9.08 4.35 17.00
N LEU A 54 7.86 4.63 17.41
CA LEU A 54 7.48 4.54 18.79
C LEU A 54 6.53 3.35 18.91
N PRO A 55 7.04 2.23 19.47
CA PRO A 55 6.29 1.00 19.73
C PRO A 55 5.22 1.21 20.82
N GLY A 56 4.24 0.31 20.89
CA GLY A 56 3.08 0.45 21.78
C GLY A 56 2.34 1.79 21.71
N THR A 57 2.26 2.37 20.50
CA THR A 57 1.51 3.60 20.22
C THR A 57 0.71 3.44 18.90
N ASP A 58 0.10 2.27 18.74
CA ASP A 58 -0.87 2.01 17.67
C ASP A 58 -0.32 2.37 16.30
N GLU A 59 0.92 1.96 16.07
CA GLU A 59 1.64 2.33 14.86
C GLU A 59 0.94 1.93 13.55
N ILE A 60 0.25 0.79 13.51
CA ILE A 60 -0.43 0.45 12.25
C ILE A 60 -1.60 1.41 11.92
N ASN A 61 -2.49 1.65 12.88
CA ASN A 61 -3.54 2.66 12.70
C ASN A 61 -2.98 4.03 12.35
N ARG A 62 -1.90 4.43 13.02
CA ARG A 62 -1.19 5.65 12.71
C ARG A 62 -0.60 5.68 11.29
N LEU A 63 -0.06 4.54 10.87
CA LEU A 63 0.40 4.41 9.50
C LEU A 63 -0.73 4.69 8.50
N GLY A 64 -1.90 4.08 8.72
CA GLY A 64 -3.03 4.22 7.79
C GLY A 64 -3.53 5.66 7.71
N ARG A 65 -3.64 6.30 8.88
CA ARG A 65 -4.02 7.71 8.94
C ARG A 65 -3.00 8.63 8.21
N LEU A 66 -1.71 8.50 8.55
CA LEU A 66 -0.65 9.30 7.93
C LEU A 66 -0.43 9.05 6.47
N ASP A 67 -0.71 7.83 6.01
CA ASP A 67 -0.68 7.50 4.57
C ASP A 67 -1.63 8.45 3.79
N ARG A 68 -2.82 8.67 4.36
CA ARG A 68 -3.82 9.61 3.84
C ARG A 68 -3.35 11.08 3.87
N SER A 69 -2.88 11.52 5.04
CA SER A 69 -2.27 12.84 5.26
C SER A 69 -1.14 13.17 4.29
N VAL A 70 -0.21 12.24 4.12
CA VAL A 70 0.89 12.41 3.18
C VAL A 70 0.37 12.51 1.75
N GLY A 71 -0.60 11.66 1.39
CA GLY A 71 -1.27 11.74 0.09
C GLY A 71 -1.86 13.12 -0.18
N LYS A 72 -2.51 13.69 0.82
CA LYS A 72 -3.06 15.03 0.73
C LYS A 72 -1.98 16.10 0.57
N LEU A 73 -0.87 15.95 1.28
CA LEU A 73 0.23 16.87 1.14
C LEU A 73 0.91 16.76 -0.23
N PHE A 74 1.03 15.52 -0.76
CA PHE A 74 1.58 15.34 -2.10
C PHE A 74 0.66 15.98 -3.16
N ALA A 75 -0.65 15.90 -2.96
CA ALA A 75 -1.61 16.51 -3.90
C ALA A 75 -1.51 18.03 -3.82
N LEU A 76 -1.35 18.57 -2.61
CA LEU A 76 -1.19 20.01 -2.44
C LEU A 76 0.09 20.48 -3.16
N ALA A 77 1.15 19.68 -3.08
CA ALA A 77 2.40 19.96 -3.75
C ALA A 77 2.21 20.03 -5.26
N VAL A 78 1.47 19.08 -5.83
CA VAL A 78 1.12 19.09 -7.24
C VAL A 78 0.32 20.35 -7.62
N ASN A 79 -0.67 20.68 -6.80
CA ASN A 79 -1.54 21.79 -7.10
C ASN A 79 -0.85 23.15 -6.99
N ASN A 80 0.07 23.26 -6.04
CA ASN A 80 0.90 24.43 -5.94
C ASN A 80 1.93 24.55 -7.08
N LEU A 81 2.46 23.42 -7.54
CA LEU A 81 3.27 23.39 -8.77
C LEU A 81 2.50 23.85 -10.02
N LEU A 82 1.24 23.40 -10.17
CA LEU A 82 0.38 23.83 -11.28
C LEU A 82 0.00 25.30 -11.18
N ALA A 83 -0.13 25.82 -9.96
CA ALA A 83 -0.46 27.24 -9.83
C ALA A 83 0.71 28.12 -10.23
N LYS A 84 1.94 27.68 -9.96
CA LYS A 84 3.10 28.47 -10.37
C LYS A 84 3.51 28.33 -11.85
N THR A 85 3.27 27.15 -12.44
CA THR A 85 3.63 26.89 -13.84
C THR A 85 2.47 27.29 -14.78
N LYS A 86 1.25 27.27 -14.24
CA LYS A 86 0.00 27.59 -14.95
C LYS A 86 -0.29 26.64 -16.10
N ILE A 87 0.20 25.42 -15.98
CA ILE A 87 -0.15 24.35 -16.90
C ILE A 87 -1.39 23.63 -16.36
N ALA A 88 -2.37 23.35 -17.23
CA ALA A 88 -3.58 22.66 -16.83
C ALA A 88 -3.27 21.22 -16.46
N LYS A 89 -3.95 20.74 -15.42
CA LYS A 89 -3.84 19.35 -14.99
C LYS A 89 -4.10 18.39 -16.13
N ASP A 90 -4.96 18.79 -17.06
CA ASP A 90 -5.27 17.97 -18.23
C ASP A 90 -4.11 17.86 -19.23
N GLU A 91 -3.12 18.73 -19.13
CA GLU A 91 -1.92 18.62 -19.98
C GLU A 91 -0.88 17.64 -19.40
N ILE A 92 -1.06 17.23 -18.15
CA ILE A 92 -0.15 16.30 -17.48
C ILE A 92 -0.58 14.87 -17.78
N ILE A 93 0.37 14.06 -18.27
CA ILE A 93 0.11 12.67 -18.62
C ILE A 93 -0.04 11.87 -17.33
N ALA A 94 0.95 11.97 -16.45
CA ALA A 94 0.95 11.24 -15.18
C ALA A 94 1.88 11.88 -14.16
N ILE A 95 1.56 11.67 -12.89
CA ILE A 95 2.43 11.90 -11.76
C ILE A 95 3.19 10.62 -11.44
N GLY A 96 4.49 10.76 -11.20
CA GLY A 96 5.32 9.68 -10.66
C GLY A 96 5.66 10.04 -9.22
N SER A 97 5.03 9.31 -8.30
CA SER A 97 5.17 9.58 -6.88
C SER A 97 5.96 8.49 -6.19
N HIS A 98 7.07 8.87 -5.55
CA HIS A 98 7.79 7.92 -4.74
C HIS A 98 7.01 7.62 -3.45
N GLY A 99 6.32 8.63 -2.94
CA GLY A 99 5.76 8.60 -1.62
C GLY A 99 6.86 8.90 -0.62
N GLN A 100 6.59 8.54 0.64
CA GLN A 100 7.48 8.77 1.74
C GLN A 100 7.82 7.43 2.39
N THR A 101 9.11 7.09 2.41
CA THR A 101 9.55 5.83 3.02
C THR A 101 9.40 5.83 4.52
N VAL A 102 8.78 4.75 5.01
CA VAL A 102 8.59 4.50 6.44
C VAL A 102 9.51 3.35 6.88
N ARG A 103 9.63 2.32 6.06
CA ARG A 103 10.55 1.21 6.32
C ARG A 103 11.17 0.78 5.01
N HIS A 104 12.45 0.45 5.04
CA HIS A 104 13.13 -0.16 3.90
C HIS A 104 13.98 -1.32 4.42
N MSE A 105 13.52 -2.54 4.17
CA MSE A 105 14.08 -3.77 4.77
C MSE A 105 14.28 -4.86 3.69
O MSE A 105 13.74 -5.99 3.81
CB MSE A 105 13.15 -4.29 5.87
CG MSE A 105 12.94 -3.33 7.05
SE MSE A 105 14.61 -3.01 8.00
CE MSE A 105 14.35 -4.38 9.38
N PRO A 106 15.06 -4.56 2.64
CA PRO A 106 15.15 -5.53 1.54
C PRO A 106 15.87 -6.83 1.92
N ASN A 107 16.63 -6.80 3.02
CA ASN A 107 17.43 -7.95 3.42
C ASN A 107 16.92 -8.85 4.54
N LEU A 108 15.72 -8.59 5.02
CA LEU A 108 15.00 -9.59 5.81
C LEU A 108 14.83 -10.87 4.98
N GLU A 109 14.60 -12.01 5.64
CA GLU A 109 14.35 -13.25 4.88
C GLU A 109 13.30 -12.94 3.82
N VAL A 110 12.09 -12.62 4.28
CA VAL A 110 11.05 -12.08 3.42
C VAL A 110 11.34 -10.56 3.33
N GLY A 111 12.05 -10.12 2.29
CA GLY A 111 12.36 -8.68 2.10
C GLY A 111 11.13 -7.80 1.76
N PHE A 112 11.17 -6.54 2.20
CA PHE A 112 10.07 -5.60 1.94
C PHE A 112 10.53 -4.14 2.02
N THR A 113 9.74 -3.27 1.41
CA THR A 113 9.94 -1.84 1.49
C THR A 113 8.57 -1.16 1.63
N LEU A 114 8.51 -0.05 2.38
CA LEU A 114 7.23 0.55 2.71
C LEU A 114 7.25 2.05 2.56
N GLN A 115 6.56 2.52 1.51
CA GLN A 115 6.35 3.96 1.22
C GLN A 115 4.90 4.28 1.43
N ILE A 116 4.64 5.39 2.11
CA ILE A 116 3.25 5.85 2.26
C ILE A 116 3.04 7.11 1.44
N GLY A 117 1.78 7.55 1.37
CA GLY A 117 1.38 8.68 0.54
C GLY A 117 0.39 8.15 -0.47
N ASP A 118 -0.86 8.01 -0.04
CA ASP A 118 -1.87 7.20 -0.76
C ASP A 118 -2.05 7.71 -2.18
N PRO A 119 -1.66 6.88 -3.19
CA PRO A 119 -1.76 7.31 -4.60
C PRO A 119 -3.20 7.51 -5.10
N ASN A 120 -4.17 6.85 -4.46
CA ASN A 120 -5.58 7.09 -4.70
C ASN A 120 -6.00 8.49 -4.26
N THR A 121 -5.43 8.95 -3.16
CA THR A 121 -5.67 10.29 -2.65
C THR A 121 -5.00 11.34 -3.54
N ILE A 122 -3.75 11.08 -3.96
CA ILE A 122 -3.06 11.96 -4.88
C ILE A 122 -3.84 12.06 -6.21
N ALA A 123 -4.29 10.93 -6.76
CA ALA A 123 -5.05 10.93 -8.02
C ALA A 123 -6.36 11.71 -7.90
N THR A 124 -7.10 11.47 -6.81
CA THR A 124 -8.36 12.14 -6.54
C THR A 124 -8.21 13.66 -6.40
N GLU A 125 -7.21 14.09 -5.63
CA GLU A 125 -7.11 15.50 -5.31
C GLU A 125 -6.35 16.35 -6.34
N THR A 126 -5.76 15.71 -7.34
CA THR A 126 -5.07 16.42 -8.41
C THR A 126 -5.80 16.36 -9.78
N GLY A 127 -6.59 15.31 -9.99
CA GLY A 127 -7.25 15.01 -11.28
C GLY A 127 -6.30 14.44 -12.33
N ILE A 128 -5.12 14.01 -11.88
CA ILE A 128 -4.09 13.47 -12.76
C ILE A 128 -3.79 12.05 -12.35
N ASP A 129 -3.66 11.15 -13.33
CA ASP A 129 -3.29 9.76 -13.03
C ASP A 129 -1.92 9.65 -12.33
N VAL A 130 -1.84 8.70 -11.39
CA VAL A 130 -0.68 8.54 -10.53
C VAL A 130 -0.04 7.19 -10.76
N ILE A 131 1.27 7.20 -11.01
CA ILE A 131 2.06 5.98 -11.01
C ILE A 131 2.91 6.09 -9.74
N ALA A 132 2.85 5.06 -8.91
CA ALA A 132 3.46 5.15 -7.58
C ALA A 132 3.98 3.77 -7.20
N ASP A 133 4.58 3.65 -6.01
CA ASP A 133 4.91 2.32 -5.48
C ASP A 133 5.93 1.57 -6.38
N PHE A 134 7.06 2.21 -6.67
CA PHE A 134 8.01 1.71 -7.67
C PHE A 134 8.97 0.64 -7.17
N ARG A 135 9.22 0.62 -5.86
CA ARG A 135 10.27 -0.22 -5.30
C ARG A 135 9.86 -1.68 -5.17
N ARG A 136 8.59 -1.91 -4.88
CA ARG A 136 8.10 -3.25 -4.52
C ARG A 136 8.20 -4.30 -5.62
N LYS A 137 8.07 -3.89 -6.88
CA LYS A 137 8.27 -4.82 -7.99
C LYS A 137 9.70 -5.37 -8.02
N ASP A 138 10.70 -4.48 -7.84
CA ASP A 138 12.10 -4.89 -7.78
C ASP A 138 12.39 -5.89 -6.65
N ILE A 139 11.84 -5.62 -5.46
CA ILE A 139 11.88 -6.54 -4.33
C ILE A 139 11.22 -7.88 -4.63
N ALA A 140 10.08 -7.84 -5.31
CA ALA A 140 9.34 -9.04 -5.68
C ALA A 140 10.16 -9.96 -6.60
N LEU A 141 11.12 -9.37 -7.32
CA LEU A 141 12.04 -10.08 -8.22
C LEU A 141 13.39 -10.34 -7.56
N GLY A 142 13.48 -10.14 -6.25
CA GLY A 142 14.66 -10.51 -5.46
C GLY A 142 15.66 -9.37 -5.33
N GLY A 143 15.27 -8.17 -5.74
CA GLY A 143 16.19 -7.06 -5.71
C GLY A 143 16.18 -6.25 -4.44
N GLN A 144 17.04 -5.24 -4.39
CA GLN A 144 17.15 -4.38 -3.20
C GLN A 144 16.05 -3.33 -3.13
N GLY A 145 15.27 -3.19 -4.21
CA GLY A 145 14.30 -2.11 -4.33
C GLY A 145 14.92 -0.75 -4.54
N ALA A 146 16.27 -0.70 -4.64
CA ALA A 146 17.02 0.54 -4.69
C ALA A 146 18.49 0.30 -5.02
N PRO A 147 19.19 1.31 -5.57
CA PRO A 147 18.60 2.56 -6.13
C PRO A 147 17.88 2.30 -7.43
N LEU A 148 16.90 3.14 -7.75
CA LEU A 148 16.16 3.05 -9.00
C LEU A 148 16.61 4.10 -10.01
N VAL A 149 17.35 5.13 -9.56
CA VAL A 149 17.87 6.15 -10.50
C VAL A 149 18.86 5.69 -11.60
N PRO A 150 19.59 4.57 -11.39
CA PRO A 150 20.63 4.29 -12.41
C PRO A 150 20.21 4.22 -13.87
N ALA A 151 19.07 3.62 -14.20
CA ALA A 151 18.60 3.59 -15.61
C ALA A 151 18.30 5.00 -16.10
N PHE A 152 17.72 5.81 -15.22
CA PHE A 152 17.52 7.23 -15.54
C PHE A 152 18.88 7.94 -15.74
N HIS A 153 19.84 7.68 -14.86
CA HIS A 153 21.19 8.23 -14.97
C HIS A 153 21.93 7.82 -16.23
N GLN A 154 21.75 6.57 -16.68
CA GLN A 154 22.43 6.10 -17.88
C GLN A 154 21.91 6.87 -19.08
N GLN A 155 20.59 6.99 -19.19
CA GLN A 155 19.98 7.64 -20.33
C GLN A 155 20.31 9.14 -20.35
N THR A 156 20.43 9.75 -19.18
CA THR A 156 20.56 11.19 -19.08
C THR A 156 22.01 11.66 -19.00
N PHE A 157 22.85 10.90 -18.30
CA PHE A 157 24.20 11.37 -17.97
C PHE A 157 25.35 10.58 -18.59
N ALA A 158 25.10 9.41 -19.17
CA ALA A 158 26.21 8.60 -19.69
C ALA A 158 26.83 9.23 -20.92
N GLN A 159 28.15 9.17 -21.00
CA GLN A 159 28.88 9.69 -22.15
C GLN A 159 29.88 8.64 -22.63
N VAL A 160 29.67 8.16 -23.86
CA VAL A 160 30.61 7.24 -24.48
C VAL A 160 32.04 7.79 -24.36
N GLY A 161 32.94 6.97 -23.83
CA GLY A 161 34.32 7.38 -23.70
C GLY A 161 34.67 7.91 -22.34
N LYS A 162 33.66 8.06 -21.49
CA LYS A 162 33.88 8.61 -20.16
C LYS A 162 33.35 7.71 -19.08
N LYS A 163 34.18 7.47 -18.06
CA LYS A 163 33.72 6.78 -16.85
C LYS A 163 33.15 7.83 -15.91
N ARG A 164 31.86 7.74 -15.63
CA ARG A 164 31.19 8.71 -14.79
C ARG A 164 30.56 8.07 -13.55
N VAL A 165 30.74 8.73 -12.42
CA VAL A 165 29.97 8.42 -11.23
C VAL A 165 28.97 9.54 -11.01
N ILE A 166 27.71 9.14 -10.82
CA ILE A 166 26.67 10.04 -10.37
C ILE A 166 26.46 9.72 -8.92
N LEU A 167 26.66 10.73 -8.09
CA LEU A 167 26.55 10.54 -6.67
C LEU A 167 25.41 11.39 -6.11
N ASN A 168 24.39 10.72 -5.57
CA ASN A 168 23.32 11.39 -4.85
C ASN A 168 23.58 11.36 -3.35
N ILE A 169 23.74 12.54 -2.76
CA ILE A 169 23.93 12.62 -1.33
C ILE A 169 22.65 13.05 -0.61
N GLY A 170 21.79 12.07 -0.31
CA GLY A 170 20.62 12.32 0.53
C GLY A 170 20.94 11.89 1.96
N GLY A 171 19.90 11.49 2.70
CA GLY A 171 20.07 10.88 4.00
C GLY A 171 21.10 9.76 3.92
N ILE A 172 20.85 8.86 2.97
CA ILE A 172 21.77 7.79 2.56
C ILE A 172 22.37 8.20 1.21
N ALA A 173 23.64 7.90 0.99
CA ALA A 173 24.28 8.23 -0.28
C ALA A 173 24.25 7.00 -1.19
N ASN A 174 24.04 7.24 -2.48
CA ASN A 174 24.06 6.17 -3.47
C ASN A 174 24.87 6.61 -4.68
N ILE A 175 25.59 5.67 -5.27
CA ILE A 175 26.32 5.95 -6.51
C ILE A 175 25.70 5.19 -7.66
N THR A 176 25.81 5.77 -8.83
CA THR A 176 25.57 5.09 -10.08
C THR A 176 26.91 5.11 -10.80
N TYR A 177 27.35 3.95 -11.27
CA TYR A 177 28.54 3.88 -12.10
C TYR A 177 28.16 3.73 -13.56
N LEU A 178 28.61 4.69 -14.36
CA LEU A 178 28.34 4.72 -15.80
C LEU A 178 29.69 4.57 -16.52
N PRO A 179 30.07 3.31 -16.85
CA PRO A 179 31.40 2.96 -17.39
C PRO A 179 31.75 3.60 -18.75
N GLY A 180 30.76 3.94 -19.56
CA GLY A 180 30.98 4.66 -20.81
C GLY A 180 31.43 3.74 -21.95
N ASN A 181 30.95 2.51 -21.87
CA ASN A 181 31.15 1.48 -22.89
C ASN A 181 29.99 0.49 -22.88
N SER A 182 30.24 -0.71 -23.41
CA SER A 182 29.23 -1.80 -23.50
C SER A 182 28.93 -2.43 -22.12
N GLU A 183 29.80 -2.13 -21.17
CA GLU A 183 29.78 -2.70 -19.83
C GLU A 183 28.58 -2.22 -18.97
N GLU A 184 28.18 -3.06 -18.03
CA GLU A 184 26.92 -2.86 -17.34
C GLU A 184 26.98 -1.71 -16.31
N VAL A 185 25.86 -1.01 -16.20
CA VAL A 185 25.66 0.02 -15.20
C VAL A 185 25.52 -0.63 -13.81
N LEU A 186 26.21 -0.06 -12.83
CA LEU A 186 26.14 -0.49 -11.44
C LEU A 186 25.56 0.59 -10.55
N GLY A 187 25.12 0.25 -9.35
CA GLY A 187 24.67 1.27 -8.42
C GLY A 187 24.23 0.66 -7.12
N PHE A 188 24.41 1.42 -6.03
CA PHE A 188 24.16 0.93 -4.68
C PHE A 188 24.31 2.06 -3.68
N ASP A 189 23.76 1.87 -2.49
CA ASP A 189 23.98 2.77 -1.36
C ASP A 189 25.37 2.54 -0.74
N THR A 190 26.17 3.59 -0.68
CA THR A 190 27.49 3.49 -0.07
C THR A 190 27.41 3.45 1.44
N GLY A 191 26.37 4.08 1.99
CA GLY A 191 26.28 4.29 3.43
C GLY A 191 25.66 5.65 3.72
N PRO A 192 25.98 6.25 4.90
CA PRO A 192 25.32 7.51 5.23
C PRO A 192 25.71 8.62 4.27
N GLY A 193 24.75 9.49 3.97
CA GLY A 193 25.05 10.74 3.29
C GLY A 193 25.02 11.85 4.33
N ASN A 194 23.84 12.46 4.47
CA ASN A 194 23.61 13.54 5.43
C ASN A 194 22.97 13.10 6.72
N THR A 195 22.51 11.86 6.78
CA THR A 195 21.69 11.47 7.93
C THR A 195 22.34 11.70 9.32
N LEU A 196 23.62 11.35 9.47
CA LEU A 196 24.30 11.45 10.78
C LEU A 196 24.82 12.85 11.11
N ILE A 197 25.35 13.54 10.11
CA ILE A 197 25.71 14.94 10.27
C ILE A 197 24.52 15.83 10.59
N ASP A 198 23.36 15.49 10.05
CA ASP A 198 22.11 16.18 10.37
C ASP A 198 21.70 15.87 11.79
N ALA A 199 21.64 14.58 12.13
CA ALA A 199 21.27 14.18 13.50
C ALA A 199 22.16 14.88 14.55
N TRP A 200 23.46 14.99 14.28
CA TRP A 200 24.36 15.54 15.29
C TRP A 200 24.20 17.04 15.45
N VAL A 201 24.10 17.78 14.35
CA VAL A 201 23.87 19.22 14.43
C VAL A 201 22.49 19.57 15.05
N GLN A 202 21.48 18.74 14.81
CA GLN A 202 20.15 18.90 15.44
C GLN A 202 20.22 18.71 16.96
N GLN A 203 20.94 17.67 17.37
CA GLN A 203 21.17 17.33 18.77
C GLN A 203 21.92 18.43 19.52
N VAL A 204 23.03 18.90 18.94
CA VAL A 204 23.94 19.83 19.63
C VAL A 204 23.54 21.30 19.45
N LYS A 205 23.21 21.69 18.23
CA LYS A 205 22.97 23.09 17.91
C LYS A 205 21.50 23.43 17.73
N ASN A 206 20.66 22.39 17.60
CA ASN A 206 19.24 22.56 17.33
C ASN A 206 18.97 23.33 16.03
N GLU A 207 19.94 23.29 15.10
CA GLU A 207 19.71 23.68 13.70
C GLU A 207 19.31 22.42 12.95
N SER A 208 18.64 22.55 11.82
CA SER A 208 18.17 21.38 11.10
C SER A 208 19.27 20.72 10.26
N TYR A 209 20.22 21.52 9.80
CA TYR A 209 21.40 20.99 9.09
C TYR A 209 22.62 21.89 9.26
N ASP A 210 23.79 21.37 8.87
CA ASP A 210 25.08 22.06 9.02
C ASP A 210 25.40 22.75 7.69
N LYS A 211 24.97 24.00 7.59
CA LYS A 211 24.98 24.71 6.33
C LYS A 211 26.38 24.84 5.77
N ASN A 212 26.55 24.29 4.56
CA ASN A 212 27.82 24.32 3.82
C ASN A 212 28.94 23.53 4.52
N GLY A 213 28.56 22.74 5.52
CA GLY A 213 29.55 21.97 6.32
C GLY A 213 30.51 22.82 7.12
N ALA A 214 30.09 24.05 7.44
CA ALA A 214 30.97 25.03 8.13
C ALA A 214 31.32 24.62 9.56
N TRP A 215 30.36 23.99 10.24
CA TRP A 215 30.60 23.44 11.58
C TRP A 215 31.56 22.24 11.54
N ALA A 216 31.34 21.34 10.60
CA ALA A 216 32.33 20.28 10.30
C ALA A 216 33.75 20.86 10.04
N ALA A 217 33.84 21.92 9.24
CA ALA A 217 35.10 22.58 8.91
C ALA A 217 35.81 23.18 10.12
N SER A 218 35.05 23.60 11.14
CA SER A 218 35.64 24.20 12.35
C SER A 218 36.31 23.17 13.30
N GLY A 219 36.06 21.88 13.03
CA GLY A 219 36.52 20.82 13.89
C GLY A 219 37.68 20.06 13.30
N LYS A 220 38.14 19.07 14.04
CA LYS A 220 39.22 18.22 13.60
C LYS A 220 38.82 16.74 13.77
N THR A 221 38.93 15.98 12.69
CA THR A 221 38.57 14.57 12.72
C THR A 221 39.42 13.79 13.72
N ASP A 222 38.73 12.96 14.50
CA ASP A 222 39.36 12.02 15.39
C ASP A 222 39.51 10.73 14.60
N PRO A 223 40.77 10.35 14.28
CA PRO A 223 41.12 9.15 13.52
C PRO A 223 40.66 7.81 14.16
N GLN A 224 40.56 7.77 15.49
CA GLN A 224 40.09 6.58 16.19
C GLN A 224 38.59 6.42 15.97
N LEU A 225 37.87 7.52 16.12
CA LEU A 225 36.45 7.53 15.84
C LEU A 225 36.17 7.17 14.38
N LEU A 226 36.90 7.80 13.46
CA LEU A 226 36.73 7.52 12.02
C LEU A 226 36.90 6.05 11.67
N ALA A 227 38.02 5.47 12.14
CA ALA A 227 38.35 4.08 11.90
C ALA A 227 37.27 3.13 12.43
N GLN A 228 36.74 3.44 13.62
CA GLN A 228 35.69 2.64 14.23
C GLN A 228 34.38 2.70 13.48
N LEU A 229 33.98 3.91 13.11
CA LEU A 229 32.81 4.10 12.26
C LEU A 229 32.96 3.39 10.92
N LEU A 230 34.12 3.50 10.28
CA LEU A 230 34.37 2.86 8.98
C LEU A 230 34.47 1.34 9.05
N SER A 231 34.60 0.80 10.27
CA SER A 231 34.65 -0.65 10.44
C SER A 231 33.28 -1.31 10.51
N HIS A 232 32.19 -0.56 10.38
CA HIS A 232 30.88 -1.15 10.32
C HIS A 232 30.83 -2.23 9.22
N PRO A 233 30.26 -3.41 9.50
CA PRO A 233 30.23 -4.47 8.47
C PRO A 233 29.54 -4.06 7.16
N TYR A 234 28.61 -3.11 7.19
CA TYR A 234 27.95 -2.62 5.95
C TYR A 234 28.95 -2.20 4.85
N PHE A 235 30.00 -1.49 5.23
CA PHE A 235 31.01 -1.00 4.27
C PHE A 235 31.83 -2.11 3.61
N SER A 236 31.88 -3.28 4.23
CA SER A 236 32.55 -4.43 3.62
C SER A 236 31.63 -5.30 2.78
N LEU A 237 30.33 -5.02 2.77
CA LEU A 237 29.38 -5.79 1.95
C LEU A 237 29.55 -5.52 0.46
N ALA A 238 29.39 -6.56 -0.36
CA ALA A 238 29.42 -6.44 -1.81
C ALA A 238 28.12 -5.80 -2.28
N TYR A 239 28.17 -5.05 -3.39
CA TYR A 239 26.92 -4.63 -4.07
C TYR A 239 26.35 -5.82 -4.86
N PRO A 240 25.06 -5.77 -5.25
CA PRO A 240 23.96 -4.85 -4.90
C PRO A 240 23.71 -4.76 -3.38
N LYS A 241 23.53 -3.53 -2.88
CA LYS A 241 23.19 -3.31 -1.51
C LYS A 241 22.48 -1.96 -1.36
N SER A 242 21.49 -1.93 -0.48
CA SER A 242 20.91 -0.68 -0.04
C SER A 242 20.65 -0.74 1.43
N THR A 243 20.48 0.43 2.02
CA THR A 243 20.14 0.54 3.41
C THR A 243 19.18 1.73 3.61
N GLY A 244 18.31 1.62 4.60
CA GLY A 244 17.38 2.70 4.96
C GLY A 244 17.82 3.39 6.23
N ARG A 245 16.99 3.29 7.27
CA ARG A 245 17.32 3.87 8.57
C ARG A 245 17.65 2.82 9.63
N GLU A 246 17.74 1.56 9.23
CA GLU A 246 17.90 0.47 10.18
C GLU A 246 19.34 0.34 10.70
N LEU A 247 20.32 0.88 9.95
CA LEU A 247 21.74 0.77 10.35
C LEU A 247 22.30 2.10 10.82
N PHE A 248 22.26 3.10 9.97
CA PHE A 248 22.83 4.39 10.28
C PHE A 248 21.79 5.36 10.82
N ASN A 249 21.64 5.36 12.14
CA ASN A 249 20.61 6.15 12.83
C ASN A 249 21.17 6.71 14.14
N GLN A 250 20.37 7.48 14.87
CA GLN A 250 20.77 8.20 16.09
C GLN A 250 21.14 7.23 17.20
N ALA A 251 20.39 6.14 17.33
CA ALA A 251 20.66 5.15 18.37
C ALA A 251 22.01 4.48 18.13
N TRP A 252 22.29 4.16 16.86
CA TRP A 252 23.57 3.59 16.49
C TRP A 252 24.70 4.58 16.79
N LEU A 253 24.52 5.81 16.35
CA LEU A 253 25.49 6.88 16.57
C LEU A 253 25.78 7.08 18.07
N GLU A 254 24.73 7.12 18.89
CA GLU A 254 24.89 7.35 20.32
C GLU A 254 25.71 6.22 20.98
N GLN A 255 25.48 4.99 20.54
CA GLN A 255 26.23 3.86 21.03
C GLN A 255 27.69 3.85 20.53
N GLN A 256 27.91 4.29 19.29
CA GLN A 256 29.27 4.51 18.75
C GLN A 256 30.08 5.55 19.54
N LEU A 257 29.39 6.59 20.02
CA LEU A 257 30.02 7.68 20.77
C LEU A 257 30.15 7.43 22.26
N SER A 258 29.63 6.31 22.74
CA SER A 258 29.64 6.04 24.18
C SER A 258 31.03 5.70 24.76
N ALA A 259 32.10 6.04 24.03
CA ALA A 259 33.46 6.07 24.62
C ALA A 259 34.10 7.44 24.37
N PHE A 260 33.51 8.20 23.47
CA PHE A 260 33.99 9.53 23.08
C PHE A 260 33.10 10.64 23.69
N ASN A 261 32.62 10.43 24.92
CA ASN A 261 31.78 11.41 25.64
C ASN A 261 32.47 12.78 25.85
N GLN A 262 33.80 12.74 26.00
CA GLN A 262 34.60 13.97 26.16
C GLN A 262 35.19 14.56 24.88
N LEU A 263 34.77 14.10 23.71
CA LEU A 263 35.17 14.74 22.46
C LEU A 263 34.44 16.05 22.28
N ASN A 264 35.11 17.03 21.65
CA ASN A 264 34.45 18.26 21.22
C ASN A 264 33.39 17.94 20.18
N GLU A 265 32.24 18.60 20.29
CA GLU A 265 31.13 18.36 19.39
C GLU A 265 31.46 18.60 17.91
N GLU A 266 32.26 19.63 17.64
CA GLU A 266 32.70 19.97 16.29
C GLU A 266 33.73 18.96 15.72
N ASP A 267 34.48 18.29 16.60
CA ASP A 267 35.37 17.21 16.19
C ASP A 267 34.57 15.97 15.78
N ILE A 268 33.51 15.66 16.54
CA ILE A 268 32.57 14.62 16.17
C ILE A 268 31.92 14.97 14.83
N GLN A 269 31.53 16.22 14.67
CA GLN A 269 30.90 16.63 13.41
C GLN A 269 31.84 16.40 12.22
N SER A 270 33.10 16.83 12.36
CA SER A 270 34.10 16.67 11.32
C SER A 270 34.31 15.20 10.98
N THR A 271 34.40 14.37 12.03
CA THR A 271 34.53 12.93 11.89
C THR A 271 33.34 12.30 11.15
N LEU A 272 32.12 12.77 11.42
CA LEU A 272 30.92 12.26 10.74
C LEU A 272 30.88 12.64 9.27
N LEU A 273 31.28 13.87 8.97
CA LEU A 273 31.45 14.28 7.58
C LEU A 273 32.46 13.39 6.84
N ASP A 274 33.56 13.05 7.50
CA ASP A 274 34.58 12.19 6.94
C ASP A 274 34.13 10.75 6.75
N LEU A 275 33.28 10.26 7.66
CA LEU A 275 32.63 8.96 7.47
C LEU A 275 31.90 8.92 6.13
N THR A 276 31.12 9.95 5.83
CA THR A 276 30.44 10.05 4.52
C THR A 276 31.46 10.11 3.38
N CYS A 277 32.43 11.00 3.50
CA CYS A 277 33.38 11.26 2.43
C CYS A 277 34.22 10.04 2.12
N HIS A 278 34.71 9.38 3.18
CA HIS A 278 35.64 8.26 3.07
C HIS A 278 34.94 7.00 2.59
N SER A 279 33.75 6.67 3.15
CA SER A 279 32.95 5.55 2.63
C SER A 279 32.61 5.70 1.14
N ILE A 280 32.17 6.90 0.74
CA ILE A 280 31.92 7.20 -0.67
C ILE A 280 33.21 7.07 -1.52
N ALA A 281 34.28 7.76 -1.13
CA ALA A 281 35.54 7.73 -1.89
C ALA A 281 36.08 6.31 -2.06
N GLN A 282 36.02 5.51 -0.99
CA GLN A 282 36.55 4.15 -1.03
C GLN A 282 35.84 3.31 -2.07
N ASP A 283 34.51 3.39 -2.10
CA ASP A 283 33.68 2.72 -3.09
C ASP A 283 33.90 3.17 -4.52
N ILE A 284 34.07 4.47 -4.71
CA ILE A 284 34.32 5.04 -6.02
C ILE A 284 35.68 4.58 -6.57
N LEU A 285 36.73 4.59 -5.74
CA LEU A 285 38.06 4.13 -6.16
C LEU A 285 38.13 2.62 -6.43
N LYS A 286 37.20 1.83 -5.88
CA LYS A 286 37.06 0.42 -6.28
C LYS A 286 36.48 0.23 -7.68
N LEU A 287 35.71 1.19 -8.14
CA LEU A 287 35.12 1.11 -9.48
C LEU A 287 36.11 1.63 -10.54
N ALA A 288 36.72 2.77 -10.24
CA ALA A 288 37.74 3.38 -11.10
C ALA A 288 38.56 4.40 -10.30
N GLN A 289 39.84 4.48 -10.63
CA GLN A 289 40.74 5.41 -9.96
C GLN A 289 40.64 6.79 -10.60
N GLU A 290 40.17 6.85 -11.84
CA GLU A 290 40.02 8.13 -12.55
C GLU A 290 38.71 8.18 -13.27
N GLY A 291 38.11 9.37 -13.31
CA GLY A 291 36.84 9.55 -13.98
C GLY A 291 36.27 10.93 -13.76
N GLU A 292 34.96 11.04 -14.00
CA GLU A 292 34.21 12.26 -13.75
C GLU A 292 33.13 11.97 -12.71
N LEU A 293 33.08 12.81 -11.67
CA LEU A 293 32.11 12.65 -10.60
C LEU A 293 31.11 13.81 -10.64
N PHE A 294 29.83 13.47 -10.69
CA PHE A 294 28.76 14.45 -10.73
C PHE A 294 27.83 14.22 -9.56
N VAL A 295 27.75 15.23 -8.70
CA VAL A 295 27.01 15.12 -7.43
C VAL A 295 25.64 15.80 -7.50
N CYS A 296 24.65 15.15 -6.89
CA CYS A 296 23.31 15.71 -6.75
C CYS A 296 22.77 15.40 -5.33
N GLY A 297 21.56 15.89 -5.02
CA GLY A 297 21.03 15.84 -3.66
C GLY A 297 21.62 16.94 -2.77
N GLY A 298 21.16 17.00 -1.53
CA GLY A 298 21.60 18.06 -0.61
C GLY A 298 23.09 18.22 -0.41
N GLY A 299 23.83 17.11 -0.45
CA GLY A 299 25.27 17.17 -0.23
C GLY A 299 26.08 17.87 -1.31
N ALA A 300 25.49 17.98 -2.51
CA ALA A 300 26.12 18.71 -3.63
C ALA A 300 26.38 20.16 -3.27
N PHE A 301 25.59 20.69 -2.35
CA PHE A 301 25.68 22.09 -1.91
C PHE A 301 26.56 22.32 -0.68
N ASN A 302 27.04 21.23 -0.06
CA ASN A 302 27.95 21.30 1.09
C ASN A 302 29.39 21.48 0.60
N ALA A 303 29.89 22.71 0.65
CA ALA A 303 31.23 23.01 0.15
C ALA A 303 32.39 22.31 0.89
N GLU A 304 32.22 22.05 2.19
CA GLU A 304 33.26 21.32 2.95
C GLU A 304 33.33 19.85 2.49
N LEU A 305 32.17 19.22 2.37
CA LEU A 305 32.05 17.87 1.84
C LEU A 305 32.68 17.77 0.45
N MSE A 306 32.37 18.74 -0.41
CA MSE A 306 32.79 18.71 -1.79
C MSE A 306 34.29 18.86 -1.89
O MSE A 306 34.93 18.19 -2.70
CB MSE A 306 32.05 19.75 -2.62
CG MSE A 306 30.57 19.44 -2.81
SE MSE A 306 30.23 17.89 -3.95
CE MSE A 306 30.61 18.75 -5.67
N GLN A 307 34.90 19.74 -1.08
CA GLN A 307 36.34 19.82 -1.14
C GLN A 307 37.04 18.63 -0.47
N ARG A 308 36.43 18.03 0.55
CA ARG A 308 37.02 16.83 1.15
C ARG A 308 37.01 15.67 0.16
N LEU A 309 35.91 15.58 -0.59
CA LEU A 309 35.74 14.56 -1.61
C LEU A 309 36.76 14.77 -2.73
N ALA A 310 36.92 16.04 -3.14
CA ALA A 310 37.95 16.45 -4.11
C ALA A 310 39.36 16.00 -3.72
N ALA A 311 39.74 16.23 -2.45
CA ALA A 311 41.06 15.78 -1.93
C ALA A 311 41.22 14.26 -1.90
N LEU A 312 40.12 13.54 -1.71
CA LEU A 312 40.10 12.07 -1.65
C LEU A 312 40.14 11.36 -3.03
N LEU A 313 39.74 12.09 -4.07
CA LEU A 313 39.63 11.55 -5.43
C LEU A 313 40.44 12.42 -6.41
N PRO A 314 41.78 12.42 -6.26
CA PRO A 314 42.58 13.34 -7.08
C PRO A 314 42.53 13.04 -8.59
N GLY A 315 42.24 11.78 -8.94
CA GLY A 315 42.06 11.39 -10.33
C GLY A 315 40.68 11.66 -10.91
N TYR A 316 39.78 12.24 -10.11
CA TYR A 316 38.45 12.66 -10.58
C TYR A 316 38.29 14.16 -10.82
N ARG A 317 37.66 14.49 -11.95
CA ARG A 317 37.04 15.78 -12.19
C ARG A 317 35.73 15.78 -11.41
N ILE A 318 35.49 16.82 -10.61
CA ILE A 318 34.34 16.84 -9.71
C ILE A 318 33.44 18.03 -9.94
N ASP A 319 32.15 17.75 -10.05
CA ASP A 319 31.16 18.77 -10.28
C ASP A 319 29.82 18.35 -9.72
N THR A 320 28.83 19.23 -9.82
CA THR A 320 27.46 18.85 -9.57
C THR A 320 26.82 18.47 -10.91
N THR A 321 25.64 17.87 -10.85
CA THR A 321 24.91 17.52 -12.07
C THR A 321 24.57 18.76 -12.92
N SER A 322 24.76 19.97 -12.38
CA SER A 322 24.60 21.20 -13.17
C SER A 322 25.47 21.22 -14.42
N ALA A 323 26.68 20.65 -14.32
CA ALA A 323 27.57 20.57 -15.47
C ALA A 323 26.95 19.70 -16.57
N LEU A 324 26.01 18.82 -16.21
CA LEU A 324 25.35 18.02 -17.24
C LEU A 324 23.93 18.54 -17.52
N GLY A 325 23.69 19.78 -17.09
CA GLY A 325 22.44 20.49 -17.33
C GLY A 325 21.26 20.09 -16.46
N VAL A 326 21.52 19.39 -15.35
CA VAL A 326 20.41 18.94 -14.45
C VAL A 326 20.63 19.42 -13.02
N ASP A 327 19.74 20.30 -12.56
CA ASP A 327 19.83 20.88 -11.22
C ASP A 327 19.93 19.79 -10.13
N PRO A 328 21.03 19.82 -9.33
CA PRO A 328 21.24 18.80 -8.29
C PRO A 328 20.07 18.69 -7.31
N LYS A 329 19.36 19.80 -7.09
CA LYS A 329 18.25 19.80 -6.14
C LYS A 329 17.05 19.01 -6.69
N TRP A 330 16.93 18.97 -8.01
CA TRP A 330 15.71 18.49 -8.65
C TRP A 330 15.89 17.15 -9.36
N ALA A 331 17.15 16.70 -9.45
CA ALA A 331 17.49 15.46 -10.16
C ALA A 331 16.62 14.27 -9.74
N GLU A 332 16.43 14.10 -8.44
CA GLU A 332 15.69 12.93 -7.94
C GLU A 332 14.18 12.99 -8.27
N GLY A 333 13.60 14.19 -8.21
CA GLY A 333 12.20 14.36 -8.59
C GLY A 333 12.00 14.03 -10.06
N ILE A 334 12.93 14.51 -10.88
CA ILE A 334 12.88 14.26 -12.31
C ILE A 334 12.92 12.76 -12.61
N ALA A 335 13.75 12.03 -11.87
CA ALA A 335 13.87 10.58 -12.02
C ALA A 335 12.53 9.89 -11.78
N PHE A 336 11.73 10.41 -10.84
CA PHE A 336 10.43 9.82 -10.56
C PHE A 336 9.38 10.16 -11.59
N ALA A 337 9.45 11.36 -12.13
CA ALA A 337 8.66 11.69 -13.31
C ALA A 337 9.02 10.74 -14.45
N TRP A 338 10.32 10.49 -14.64
CA TRP A 338 10.81 9.56 -15.67
C TRP A 338 10.30 8.12 -15.45
N LEU A 339 10.20 7.70 -14.18
CA LEU A 339 9.65 6.40 -13.84
C LEU A 339 8.17 6.21 -14.24
N ALA A 340 7.38 7.28 -14.12
CA ALA A 340 5.98 7.29 -14.58
C ALA A 340 5.91 7.22 -16.08
N MSE A 341 6.82 7.92 -16.75
CA MSE A 341 6.89 7.89 -18.18
C MSE A 341 7.22 6.46 -18.65
O MSE A 341 6.61 5.98 -19.58
CB MSE A 341 7.86 8.96 -18.69
CG MSE A 341 8.02 9.03 -20.22
SE MSE A 341 9.45 7.90 -20.86
CE MSE A 341 10.96 8.79 -20.04
N ARG A 342 8.16 5.78 -17.98
CA ARG A 342 8.52 4.43 -18.38
C ARG A 342 7.32 3.51 -18.27
N TYR A 343 6.60 3.57 -17.16
CA TYR A 343 5.34 2.84 -16.99
C TYR A 343 4.30 3.15 -18.11
N GLN A 344 4.08 4.44 -18.35
CA GLN A 344 3.16 4.92 -19.39
C GLN A 344 3.46 4.28 -20.74
N LEU A 345 4.75 4.20 -21.06
CA LEU A 345 5.20 3.64 -22.32
C LEU A 345 5.43 2.14 -22.30
N GLY A 346 5.12 1.47 -21.19
CA GLY A 346 5.29 0.01 -21.10
C GLY A 346 6.74 -0.43 -21.12
N LEU A 347 7.60 0.33 -20.47
CA LEU A 347 9.03 0.05 -20.51
C LEU A 347 9.57 -0.23 -19.10
N PRO A 348 10.57 -1.13 -18.99
CA PRO A 348 11.16 -1.48 -17.69
C PRO A 348 12.03 -0.32 -17.14
N ALA A 349 12.33 -0.32 -15.84
CA ALA A 349 13.12 0.74 -15.25
C ALA A 349 14.21 0.29 -14.27
N ASN A 350 14.11 -0.93 -13.75
CA ASN A 350 15.15 -1.41 -12.82
C ASN A 350 16.28 -2.08 -13.61
N LEU A 351 17.41 -2.30 -12.96
CA LEU A 351 18.51 -3.02 -13.59
C LEU A 351 18.98 -4.11 -12.63
N PRO A 352 18.91 -5.40 -13.05
CA PRO A 352 19.48 -6.54 -12.33
C PRO A 352 20.92 -6.33 -11.78
N ALA A 353 21.85 -5.80 -12.59
CA ALA A 353 23.22 -5.56 -12.08
C ALA A 353 23.27 -4.49 -10.99
N VAL A 354 22.23 -3.66 -10.92
CA VAL A 354 22.13 -2.60 -9.91
C VAL A 354 21.51 -3.15 -8.63
N THR A 355 20.31 -3.73 -8.74
CA THR A 355 19.52 -4.08 -7.57
C THR A 355 19.59 -5.56 -7.15
N GLY A 356 20.05 -6.43 -8.05
CA GLY A 356 20.00 -7.86 -7.80
C GLY A 356 18.67 -8.54 -8.21
N ALA A 357 17.71 -7.79 -8.74
CA ALA A 357 16.48 -8.40 -9.30
C ALA A 357 16.82 -9.44 -10.37
N SER A 358 15.96 -10.43 -10.54
CA SER A 358 16.25 -11.50 -11.51
C SER A 358 16.10 -11.01 -12.96
N ARG A 359 15.34 -9.94 -13.17
CA ARG A 359 15.14 -9.37 -14.51
C ARG A 359 14.71 -7.87 -14.48
N GLU A 360 14.79 -7.22 -15.64
CA GLU A 360 14.22 -5.90 -15.83
C GLU A 360 12.71 -6.07 -15.88
N ALA A 361 11.99 -5.19 -15.21
CA ALA A 361 10.52 -5.25 -15.14
C ALA A 361 9.95 -3.85 -15.13
N ILE A 362 8.65 -3.76 -15.39
CA ILE A 362 7.91 -2.54 -15.28
C ILE A 362 7.56 -2.30 -13.79
N LEU A 363 7.94 -1.11 -13.31
CA LEU A 363 7.84 -0.76 -11.92
C LEU A 363 6.64 0.15 -11.66
N GLY A 364 5.96 -0.06 -10.52
CA GLY A 364 4.89 0.82 -10.07
C GLY A 364 3.48 0.33 -10.34
N GLY A 365 2.50 1.00 -9.73
CA GLY A 365 1.08 0.73 -10.03
C GLY A 365 0.43 2.00 -10.54
N ARG A 366 -0.55 1.86 -11.43
CA ARG A 366 -1.28 2.98 -11.98
CA ARG A 366 -1.27 3.03 -11.94
C ARG A 366 -2.61 3.19 -11.26
N PHE A 367 -2.82 4.38 -10.74
CA PHE A 367 -4.08 4.73 -10.09
C PHE A 367 -4.76 5.81 -10.91
N SER A 368 -5.99 5.53 -11.33
CA SER A 368 -6.73 6.42 -12.20
C SER A 368 -7.26 7.65 -11.46
N ALA A 369 -7.12 8.82 -12.04
CA ALA A 369 -7.84 10.00 -11.57
C ALA A 369 -9.37 9.97 -11.89
N LYS A 370 -9.77 9.15 -12.87
CA LYS A 370 -11.19 9.09 -13.29
C LYS A 370 -12.10 8.47 -12.24
N MSE B 2 -14.75 -9.74 -28.31
CA MSE B 2 -14.16 -10.75 -27.36
C MSE B 2 -15.05 -12.00 -27.20
O MSE B 2 -16.19 -11.90 -26.69
CB MSE B 2 -13.93 -10.11 -25.98
CG MSE B 2 -12.97 -8.92 -25.98
SE MSE B 2 -12.26 -8.69 -24.18
CE MSE B 2 -11.79 -6.76 -24.24
N ASN B 3 -14.54 -13.16 -27.63
CA ASN B 3 -15.26 -14.41 -27.46
C ASN B 3 -15.16 -14.93 -26.02
N LYS B 4 -13.95 -14.92 -25.47
CA LYS B 4 -13.74 -15.15 -24.06
C LYS B 4 -13.14 -13.91 -23.44
N ALA B 5 -13.62 -13.55 -22.25
CA ALA B 5 -12.97 -12.50 -21.47
C ALA B 5 -12.75 -13.00 -20.04
N TYR B 6 -11.59 -13.65 -19.84
CA TYR B 6 -11.24 -14.33 -18.59
C TYR B 6 -10.59 -13.39 -17.59
N TYR B 7 -11.19 -13.35 -16.40
CA TYR B 7 -10.67 -12.61 -15.27
C TYR B 7 -10.61 -13.53 -14.05
N ILE B 8 -9.70 -13.21 -13.12
CA ILE B 8 -9.58 -13.98 -11.90
C ILE B 8 -9.92 -13.05 -10.76
N GLY B 9 -10.69 -13.55 -9.80
CA GLY B 9 -11.02 -12.80 -8.59
C GLY B 9 -10.42 -13.44 -7.35
N LEU B 10 -9.80 -12.63 -6.50
CA LEU B 10 -9.17 -13.16 -5.26
C LEU B 10 -9.69 -12.42 -4.04
N MSE B 11 -10.06 -13.20 -3.03
CA MSE B 11 -10.62 -12.68 -1.79
C MSE B 11 -10.15 -13.55 -0.62
O MSE B 11 -10.29 -14.78 -0.66
CB MSE B 11 -12.17 -12.61 -1.87
CG MSE B 11 -12.91 -12.24 -0.56
SE MSE B 11 -12.26 -10.60 0.42
CE MSE B 11 -13.54 -9.36 -0.32
N SER B 12 -9.60 -12.92 0.41
CA SER B 12 -9.37 -13.62 1.67
C SER B 12 -10.03 -12.80 2.78
N GLY B 13 -11.12 -13.35 3.32
CA GLY B 13 -11.92 -12.62 4.30
C GLY B 13 -11.31 -12.67 5.69
N THR B 14 -11.90 -11.89 6.60
CA THR B 14 -11.43 -11.79 7.99
C THR B 14 -11.69 -13.05 8.84
N SER B 15 -12.48 -13.99 8.31
CA SER B 15 -12.72 -15.26 8.99
C SER B 15 -11.51 -16.17 8.88
N MSE B 16 -10.55 -15.79 8.04
CA MSE B 16 -9.26 -16.48 7.97
C MSE B 16 -9.38 -17.91 7.45
O MSE B 16 -8.58 -18.77 7.78
CB MSE B 16 -8.60 -16.48 9.37
CG MSE B 16 -7.19 -15.87 9.40
SE MSE B 16 -7.15 -14.09 8.61
CE MSE B 16 -8.47 -13.17 9.70
N ASP B 17 -10.41 -18.15 6.64
CA ASP B 17 -10.72 -19.49 6.17
C ASP B 17 -10.20 -19.83 4.75
N GLY B 18 -9.29 -19.02 4.22
CA GLY B 18 -8.59 -19.35 2.99
C GLY B 18 -8.67 -18.27 1.94
N VAL B 19 -7.77 -18.34 0.97
CA VAL B 19 -7.81 -17.40 -0.15
C VAL B 19 -8.74 -18.02 -1.19
N ASP B 20 -9.89 -17.39 -1.43
CA ASP B 20 -10.82 -17.86 -2.45
C ASP B 20 -10.44 -17.29 -3.82
N ALA B 21 -10.33 -18.16 -4.82
CA ALA B 21 -9.93 -17.77 -6.15
C ALA B 21 -10.95 -18.29 -7.16
N VAL B 22 -11.38 -17.39 -8.05
CA VAL B 22 -12.38 -17.72 -9.09
C VAL B 22 -11.86 -17.35 -10.47
N LEU B 23 -12.18 -18.20 -11.45
CA LEU B 23 -11.93 -17.86 -12.84
C LEU B 23 -13.29 -17.62 -13.49
N VAL B 24 -13.47 -16.44 -14.06
CA VAL B 24 -14.77 -16.02 -14.62
C VAL B 24 -14.65 -15.57 -16.07
N ASP B 25 -15.67 -15.90 -16.86
CA ASP B 25 -15.82 -15.38 -18.21
C ASP B 25 -16.93 -14.33 -18.17
N PHE B 26 -16.58 -13.08 -18.48
CA PHE B 26 -17.52 -11.96 -18.51
C PHE B 26 -18.01 -11.55 -19.92
N ALA B 27 -17.67 -12.36 -20.94
CA ALA B 27 -17.96 -12.02 -22.32
C ALA B 27 -19.45 -12.10 -22.65
N GLY B 28 -20.18 -13.02 -22.02
CA GLY B 28 -21.63 -13.19 -22.28
C GLY B 28 -22.47 -12.25 -21.44
N GLU B 29 -23.79 -12.38 -21.55
CA GLU B 29 -24.73 -11.52 -20.81
C GLU B 29 -24.62 -11.71 -19.27
N GLN B 30 -24.51 -12.95 -18.82
CA GLN B 30 -24.27 -13.24 -17.40
C GLN B 30 -22.81 -13.74 -17.16
N PRO B 31 -22.26 -13.51 -15.96
CA PRO B 31 -20.92 -14.05 -15.69
C PRO B 31 -20.92 -15.58 -15.75
N GLN B 32 -19.85 -16.19 -16.27
CA GLN B 32 -19.73 -17.64 -16.26
C GLN B 32 -18.58 -18.05 -15.33
N LEU B 33 -18.93 -18.72 -14.25
CA LEU B 33 -17.93 -19.22 -13.31
C LEU B 33 -17.25 -20.43 -13.94
N ILE B 34 -15.96 -20.31 -14.28
CA ILE B 34 -15.25 -21.36 -15.00
C ILE B 34 -14.54 -22.34 -14.03
N GLY B 35 -14.02 -21.81 -12.92
CA GLY B 35 -13.33 -22.66 -11.96
C GLY B 35 -13.22 -21.97 -10.61
N THR B 36 -13.08 -22.78 -9.57
CA THR B 36 -12.92 -22.26 -8.22
C THR B 36 -11.79 -22.98 -7.47
N HIS B 37 -11.24 -22.30 -6.46
CA HIS B 37 -10.18 -22.85 -5.60
C HIS B 37 -10.14 -22.07 -4.30
N THR B 38 -10.00 -22.79 -3.19
CA THR B 38 -9.65 -22.17 -1.90
C THR B 38 -8.26 -22.61 -1.45
N GLU B 39 -7.38 -21.63 -1.29
CA GLU B 39 -5.99 -21.88 -0.85
C GLU B 39 -5.89 -21.69 0.67
N THR B 40 -5.63 -22.79 1.39
CA THR B 40 -5.51 -22.75 2.84
C THR B 40 -4.36 -21.82 3.26
N ILE B 41 -4.65 -20.99 4.26
CA ILE B 41 -3.64 -20.16 4.91
C ILE B 41 -2.87 -21.08 5.85
N PRO B 42 -1.55 -21.22 5.65
CA PRO B 42 -0.79 -22.09 6.58
C PRO B 42 -0.84 -21.54 8.03
N THR B 43 -0.59 -22.40 9.01
CA THR B 43 -0.71 -22.00 10.42
C THR B 43 0.28 -20.89 10.80
N HIS B 44 1.51 -20.99 10.32
CA HIS B 44 2.51 -19.98 10.63
C HIS B 44 2.09 -18.58 10.16
N LEU B 45 1.40 -18.52 9.03
CA LEU B 45 0.94 -17.26 8.50
C LEU B 45 -0.34 -16.80 9.23
N LEU B 46 -1.21 -17.75 9.56
CA LEU B 46 -2.40 -17.48 10.35
C LEU B 46 -1.99 -16.80 11.64
N LYS B 47 -1.00 -17.39 12.32
CA LYS B 47 -0.49 -16.89 13.58
C LYS B 47 0.12 -15.49 13.43
N GLY B 48 0.88 -15.27 12.36
CA GLY B 48 1.41 -13.96 12.04
C GLY B 48 0.33 -12.90 11.85
N LEU B 49 -0.68 -13.23 11.06
CA LEU B 49 -1.81 -12.34 10.80
C LEU B 49 -2.55 -11.93 12.08
N GLN B 50 -2.75 -12.89 12.99
CA GLN B 50 -3.34 -12.65 14.32
C GLN B 50 -2.52 -11.68 15.18
N ARG B 51 -1.19 -11.81 15.13
CA ARG B 51 -0.26 -10.90 15.82
C ARG B 51 -0.34 -9.43 15.39
N LEU B 52 -0.99 -9.15 14.26
CA LEU B 52 -1.18 -7.76 13.81
C LEU B 52 -2.26 -7.00 14.61
N CYS B 53 -2.84 -7.69 15.60
CA CYS B 53 -3.71 -7.07 16.64
C CYS B 53 -3.07 -7.20 18.00
N LEU B 54 -1.79 -6.85 18.09
CA LEU B 54 -0.99 -7.14 19.26
C LEU B 54 0.24 -6.20 19.30
N PRO B 55 0.10 -5.07 20.05
CA PRO B 55 1.09 -3.99 20.14
C PRO B 55 2.37 -4.39 20.90
N GLY B 56 3.41 -3.55 20.79
CA GLY B 56 4.74 -3.81 21.33
C GLY B 56 5.41 -5.07 20.78
N THR B 57 5.05 -5.44 19.55
CA THR B 57 5.62 -6.61 18.85
C THR B 57 5.97 -6.24 17.40
N ASP B 58 6.44 -5.01 17.22
CA ASP B 58 7.05 -4.55 15.94
C ASP B 58 6.07 -4.60 14.81
N GLU B 59 4.87 -4.09 15.06
CA GLU B 59 3.77 -4.34 14.17
C GLU B 59 3.94 -3.82 12.73
N ILE B 60 4.58 -2.65 12.53
CA ILE B 60 4.79 -2.15 11.14
C ILE B 60 5.73 -3.06 10.32
N ASN B 61 6.85 -3.50 10.89
CA ASN B 61 7.73 -4.45 10.22
C ASN B 61 7.09 -5.82 9.94
N ARG B 62 6.31 -6.32 10.90
CA ARG B 62 5.55 -7.53 10.70
C ARG B 62 4.53 -7.38 9.57
N LEU B 63 3.86 -6.23 9.52
CA LEU B 63 2.97 -5.87 8.43
C LEU B 63 3.66 -5.94 7.05
N GLY B 64 4.85 -5.32 6.94
CA GLY B 64 5.57 -5.36 5.68
C GLY B 64 5.95 -6.76 5.23
N ARG B 65 6.47 -7.56 6.17
CA ARG B 65 6.74 -8.98 5.96
C ARG B 65 5.50 -9.77 5.48
N LEU B 66 4.41 -9.70 6.24
CA LEU B 66 3.18 -10.44 5.94
C LEU B 66 2.51 -10.01 4.66
N ASP B 67 2.61 -8.72 4.31
CA ASP B 67 2.14 -8.22 3.00
C ASP B 67 2.79 -9.03 1.84
N ARG B 68 4.08 -9.35 1.98
CA ARG B 68 4.80 -10.17 1.01
C ARG B 68 4.31 -11.64 1.04
N SER B 69 4.28 -12.22 2.24
CA SER B 69 3.79 -13.58 2.46
C SER B 69 2.37 -13.81 1.97
N VAL B 70 1.50 -12.82 2.20
CA VAL B 70 0.13 -12.91 1.72
C VAL B 70 0.11 -12.84 0.18
N GLY B 71 0.92 -11.97 -0.41
CA GLY B 71 0.99 -11.86 -1.87
C GLY B 71 1.47 -13.15 -2.51
N LYS B 72 2.42 -13.83 -1.85
CA LYS B 72 2.86 -15.14 -2.31
C LYS B 72 1.77 -16.22 -2.21
N LEU B 73 0.99 -16.20 -1.12
CA LEU B 73 -0.10 -17.14 -0.99
C LEU B 73 -1.21 -16.85 -2.02
N PHE B 74 -1.50 -15.57 -2.26
CA PHE B 74 -2.46 -15.19 -3.30
C PHE B 74 -2.00 -15.68 -4.69
N ALA B 75 -0.70 -15.54 -4.99
CA ALA B 75 -0.15 -16.02 -6.26
C ALA B 75 -0.28 -17.55 -6.38
N LEU B 76 0.02 -18.27 -5.29
CA LEU B 76 -0.15 -19.71 -5.24
C LEU B 76 -1.60 -20.11 -5.53
N ALA B 77 -2.56 -19.42 -4.91
CA ALA B 77 -4.00 -19.61 -5.13
C ALA B 77 -4.36 -19.55 -6.64
N VAL B 78 -3.81 -18.53 -7.31
CA VAL B 78 -4.00 -18.31 -8.74
C VAL B 78 -3.42 -19.44 -9.55
N ASN B 79 -2.18 -19.83 -9.22
CA ASN B 79 -1.45 -20.83 -9.98
C ASN B 79 -2.04 -22.20 -9.79
N ASN B 80 -2.56 -22.46 -8.59
CA ASN B 80 -3.27 -23.69 -8.34
C ASN B 80 -4.62 -23.72 -9.04
N LEU B 81 -5.31 -22.57 -9.07
CA LEU B 81 -6.56 -22.43 -9.80
C LEU B 81 -6.35 -22.70 -11.30
N LEU B 82 -5.34 -22.08 -11.90
CA LEU B 82 -5.02 -22.32 -13.31
C LEU B 82 -4.67 -23.79 -13.62
N ALA B 83 -3.97 -24.45 -12.70
CA ALA B 83 -3.56 -25.86 -12.90
C ALA B 83 -4.77 -26.79 -12.85
N LYS B 84 -5.79 -26.38 -12.10
CA LYS B 84 -7.02 -27.13 -11.90
C LYS B 84 -7.93 -27.03 -13.14
N THR B 85 -7.82 -25.95 -13.89
CA THR B 85 -8.74 -25.66 -14.99
C THR B 85 -8.13 -25.84 -16.36
N LYS B 86 -6.80 -25.93 -16.42
CA LYS B 86 -6.06 -25.98 -17.68
C LYS B 86 -6.47 -24.85 -18.67
N ILE B 87 -6.60 -23.64 -18.11
CA ILE B 87 -6.58 -22.39 -18.85
C ILE B 87 -5.16 -21.92 -18.57
N ALA B 88 -4.47 -21.35 -19.57
CA ALA B 88 -3.11 -20.89 -19.35
C ALA B 88 -3.15 -19.44 -18.89
N LYS B 89 -2.11 -19.02 -18.15
CA LYS B 89 -2.04 -17.66 -17.59
C LYS B 89 -2.20 -16.57 -18.66
N ASP B 90 -1.74 -16.86 -19.87
CA ASP B 90 -1.75 -15.89 -20.95
C ASP B 90 -3.16 -15.63 -21.51
N GLU B 91 -4.13 -16.47 -21.15
CA GLU B 91 -5.53 -16.27 -21.53
C GLU B 91 -6.26 -15.35 -20.53
N ILE B 92 -5.61 -15.10 -19.40
CA ILE B 92 -6.20 -14.28 -18.35
C ILE B 92 -5.91 -12.81 -18.57
N ILE B 93 -6.97 -12.02 -18.67
CA ILE B 93 -6.84 -10.58 -18.86
C ILE B 93 -6.20 -9.93 -17.61
N ALA B 94 -6.83 -10.09 -16.46
CA ALA B 94 -6.30 -9.53 -15.22
C ALA B 94 -6.78 -10.29 -14.01
N ILE B 95 -6.06 -10.16 -12.90
CA ILE B 95 -6.50 -10.61 -11.60
C ILE B 95 -7.12 -9.41 -10.88
N GLY B 96 -8.25 -9.60 -10.22
CA GLY B 96 -8.80 -8.59 -9.32
C GLY B 96 -8.63 -9.11 -7.91
N SER B 97 -7.69 -8.52 -7.17
CA SER B 97 -7.36 -8.97 -5.82
C SER B 97 -7.85 -8.01 -4.76
N HIS B 98 -8.73 -8.48 -3.86
CA HIS B 98 -9.08 -7.69 -2.66
C HIS B 98 -7.84 -7.51 -1.75
N GLY B 99 -7.06 -8.58 -1.61
CA GLY B 99 -6.09 -8.68 -0.53
C GLY B 99 -6.76 -9.16 0.75
N GLN B 100 -6.08 -8.91 1.85
CA GLN B 100 -6.48 -9.34 3.19
C GLN B 100 -6.62 -8.07 4.04
N THR B 101 -7.83 -7.72 4.47
CA THR B 101 -8.01 -6.54 5.35
C THR B 101 -7.29 -6.72 6.69
N VAL B 102 -6.47 -5.71 7.05
CA VAL B 102 -5.80 -5.67 8.35
C VAL B 102 -6.50 -4.66 9.27
N ARG B 103 -6.87 -3.52 8.71
CA ARG B 103 -7.66 -2.50 9.39
C ARG B 103 -8.65 -1.91 8.41
N HIS B 104 -9.82 -1.56 8.92
CA HIS B 104 -10.83 -0.82 8.15
C HIS B 104 -11.42 0.28 9.04
N MSE B 105 -11.01 1.53 8.81
CA MSE B 105 -11.35 2.64 9.71
C MSE B 105 -11.81 3.89 8.92
O MSE B 105 -11.19 4.96 9.04
CB MSE B 105 -10.16 3.02 10.58
CG MSE B 105 -9.64 1.86 11.41
SE MSE B 105 -10.92 1.43 12.84
CE MSE B 105 -9.67 2.02 14.23
N PRO B 106 -12.91 3.75 8.15
CA PRO B 106 -13.43 4.83 7.31
C PRO B 106 -13.94 6.03 8.10
N ASN B 107 -14.31 5.84 9.36
CA ASN B 107 -14.85 6.94 10.18
C ASN B 107 -13.86 7.58 11.15
N LEU B 108 -12.61 7.11 11.13
CA LEU B 108 -11.58 7.62 12.00
C LEU B 108 -11.03 8.87 11.34
N GLU B 109 -11.58 10.02 11.73
CA GLU B 109 -11.18 11.35 11.22
C GLU B 109 -11.21 11.29 9.72
N VAL B 110 -10.05 11.65 9.15
CA VAL B 110 -9.64 11.40 7.76
C VAL B 110 -10.29 10.15 7.08
N GLY B 111 -10.12 8.98 7.71
CA GLY B 111 -10.68 7.73 7.22
C GLY B 111 -9.59 6.98 6.46
N PHE B 112 -9.45 5.69 6.74
CA PHE B 112 -8.53 4.86 5.97
C PHE B 112 -8.99 3.42 5.98
N THR B 113 -8.43 2.63 5.07
CA THR B 113 -8.64 1.19 5.03
C THR B 113 -7.33 0.55 4.60
N LEU B 114 -7.04 -0.63 5.14
CA LEU B 114 -5.74 -1.28 4.96
C LEU B 114 -5.88 -2.77 4.61
N GLN B 115 -5.60 -3.11 3.35
CA GLN B 115 -5.56 -4.49 2.85
C GLN B 115 -4.12 -4.83 2.51
N ILE B 116 -3.66 -6.02 2.90
CA ILE B 116 -2.34 -6.48 2.50
C ILE B 116 -2.42 -7.63 1.46
N GLY B 117 -1.29 -8.01 0.89
CA GLY B 117 -1.21 -8.98 -0.21
C GLY B 117 -0.59 -8.25 -1.38
N ASP B 118 0.74 -8.18 -1.38
CA ASP B 118 1.45 -7.27 -2.28
C ASP B 118 1.09 -7.54 -3.75
N PRO B 119 0.38 -6.60 -4.42
CA PRO B 119 -0.01 -6.85 -5.83
C PRO B 119 1.16 -7.00 -6.80
N ASN B 120 2.29 -6.36 -6.50
CA ASN B 120 3.55 -6.55 -7.23
C ASN B 120 4.05 -7.98 -7.17
N THR B 121 3.91 -8.58 -5.98
CA THR B 121 4.27 -9.98 -5.75
C THR B 121 3.29 -10.91 -6.45
N ILE B 122 2.00 -10.60 -6.40
CA ILE B 122 1.02 -11.39 -7.14
C ILE B 122 1.28 -11.30 -8.66
N ALA B 123 1.50 -10.09 -9.17
CA ALA B 123 1.78 -9.91 -10.60
C ALA B 123 3.01 -10.72 -11.04
N THR B 124 4.12 -10.55 -10.29
CA THR B 124 5.38 -11.27 -10.51
C THR B 124 5.26 -12.79 -10.47
N GLU B 125 4.55 -13.32 -9.46
CA GLU B 125 4.56 -14.78 -9.28
C GLU B 125 3.49 -15.55 -10.10
N THR B 126 2.63 -14.79 -10.80
CA THR B 126 1.58 -15.38 -11.62
C THR B 126 1.82 -15.15 -13.12
N GLY B 127 2.50 -14.04 -13.44
CA GLY B 127 2.68 -13.63 -14.83
C GLY B 127 1.47 -12.90 -15.41
N ILE B 128 0.50 -12.57 -14.56
CA ILE B 128 -0.75 -11.90 -14.95
C ILE B 128 -0.84 -10.53 -14.27
N ASP B 129 -1.33 -9.51 -15.00
CA ASP B 129 -1.56 -8.17 -14.45
C ASP B 129 -2.58 -8.22 -13.32
N VAL B 130 -2.35 -7.37 -12.31
CA VAL B 130 -3.17 -7.36 -11.11
C VAL B 130 -3.79 -5.99 -10.91
N ILE B 131 -5.11 -5.96 -10.71
CA ILE B 131 -5.78 -4.76 -10.27
C ILE B 131 -6.10 -5.06 -8.81
N ALA B 132 -5.65 -4.19 -7.92
CA ALA B 132 -5.79 -4.46 -6.50
C ALA B 132 -6.17 -3.18 -5.79
N ASP B 133 -6.36 -3.25 -4.46
CA ASP B 133 -6.53 -2.04 -3.61
C ASP B 133 -7.74 -1.18 -4.02
N PHE B 134 -8.89 -1.81 -4.10
CA PHE B 134 -10.09 -1.16 -4.63
C PHE B 134 -10.81 -0.17 -3.71
N ARG B 135 -10.61 -0.30 -2.41
CA ARG B 135 -11.37 0.48 -1.43
C ARG B 135 -10.85 1.89 -1.20
N ARG B 136 -9.54 2.08 -1.37
CA ARG B 136 -8.91 3.35 -1.03
C ARG B 136 -9.40 4.51 -1.89
N LYS B 137 -9.69 4.25 -3.17
CA LYS B 137 -10.26 5.31 -4.03
C LYS B 137 -11.59 5.80 -3.46
N ASP B 138 -12.46 4.89 -3.04
CA ASP B 138 -13.73 5.29 -2.48
C ASP B 138 -13.59 6.11 -1.18
N ILE B 139 -12.68 5.72 -0.29
CA ILE B 139 -12.32 6.51 0.90
C ILE B 139 -11.79 7.93 0.56
N ALA B 140 -10.94 8.01 -0.46
CA ALA B 140 -10.36 9.29 -0.89
C ALA B 140 -11.43 10.26 -1.37
N LEU B 141 -12.59 9.74 -1.77
CA LEU B 141 -13.74 10.58 -2.19
C LEU B 141 -14.78 10.77 -1.07
N GLY B 142 -14.41 10.42 0.15
CA GLY B 142 -15.23 10.67 1.33
C GLY B 142 -16.14 9.51 1.64
N GLY B 143 -15.96 8.38 0.95
CA GLY B 143 -16.85 7.26 1.14
C GLY B 143 -16.39 6.30 2.23
N GLN B 144 -17.19 5.28 2.44
CA GLN B 144 -16.96 4.27 3.48
C GLN B 144 -15.93 3.22 3.06
N GLY B 145 -15.59 3.16 1.78
CA GLY B 145 -14.75 2.09 1.25
C GLY B 145 -15.47 0.76 1.08
N ALA B 146 -16.76 0.72 1.42
CA ALA B 146 -17.53 -0.50 1.45
C ALA B 146 -19.00 -0.17 1.63
N PRO B 147 -19.89 -1.07 1.18
CA PRO B 147 -19.56 -2.21 0.32
C PRO B 147 -19.39 -1.81 -1.12
N LEU B 148 -18.54 -2.55 -1.82
CA LEU B 148 -18.22 -2.34 -3.22
C LEU B 148 -19.06 -3.20 -4.15
N VAL B 149 -19.67 -4.27 -3.63
CA VAL B 149 -20.52 -5.15 -4.47
C VAL B 149 -21.80 -4.58 -5.07
N PRO B 150 -22.45 -3.57 -4.43
CA PRO B 150 -23.74 -3.13 -5.03
C PRO B 150 -23.82 -2.87 -6.55
N ALA B 151 -22.80 -2.27 -7.18
CA ALA B 151 -22.87 -2.02 -8.62
C ALA B 151 -22.88 -3.34 -9.40
N PHE B 152 -22.09 -4.29 -8.89
CA PHE B 152 -22.05 -5.64 -9.44
C PHE B 152 -23.41 -6.33 -9.26
N HIS B 153 -23.97 -6.19 -8.05
CA HIS B 153 -25.27 -6.76 -7.75
C HIS B 153 -26.40 -6.18 -8.60
N GLN B 154 -26.37 -4.87 -8.83
CA GLN B 154 -27.36 -4.21 -9.71
C GLN B 154 -27.30 -4.82 -11.11
N GLN B 155 -26.10 -4.92 -11.66
CA GLN B 155 -25.94 -5.46 -13.01
C GLN B 155 -26.35 -6.94 -13.12
N THR B 156 -26.17 -7.72 -12.06
CA THR B 156 -26.30 -9.18 -12.16
C THR B 156 -27.64 -9.65 -11.63
N PHE B 157 -28.14 -9.01 -10.58
CA PHE B 157 -29.31 -9.50 -9.85
C PHE B 157 -30.57 -8.65 -9.98
N ALA B 158 -30.43 -7.38 -10.34
CA ALA B 158 -31.60 -6.49 -10.32
C ALA B 158 -32.62 -6.93 -11.36
N GLN B 159 -33.89 -6.70 -11.05
CA GLN B 159 -34.96 -6.92 -11.97
C GLN B 159 -35.98 -5.78 -11.84
N VAL B 160 -36.18 -5.04 -12.91
CA VAL B 160 -37.16 -3.95 -12.97
C VAL B 160 -38.53 -4.47 -12.56
N GLY B 161 -39.17 -3.79 -11.60
CA GLY B 161 -40.46 -4.19 -11.10
C GLY B 161 -40.39 -5.00 -9.82
N LYS B 162 -39.20 -5.38 -9.40
CA LYS B 162 -38.98 -6.21 -8.23
C LYS B 162 -38.10 -5.47 -7.23
N LYS B 163 -38.45 -5.56 -5.96
CA LYS B 163 -37.60 -5.10 -4.89
C LYS B 163 -36.79 -6.30 -4.41
N ARG B 164 -35.47 -6.17 -4.50
CA ARG B 164 -34.55 -7.26 -4.17
C ARG B 164 -33.49 -6.80 -3.18
N VAL B 165 -33.26 -7.61 -2.16
CA VAL B 165 -32.16 -7.42 -1.25
C VAL B 165 -31.16 -8.57 -1.48
N ILE B 166 -29.90 -8.22 -1.63
CA ILE B 166 -28.86 -9.20 -1.67
C ILE B 166 -28.18 -9.08 -0.33
N LEU B 167 -28.12 -10.21 0.39
CA LEU B 167 -27.53 -10.22 1.71
C LEU B 167 -26.27 -11.09 1.71
N ASN B 168 -25.12 -10.46 1.96
CA ASN B 168 -23.88 -11.21 2.13
C ASN B 168 -23.58 -11.34 3.61
N ILE B 169 -23.55 -12.58 4.09
CA ILE B 169 -23.24 -12.81 5.48
C ILE B 169 -21.82 -13.36 5.60
N GLY B 170 -20.86 -12.45 5.77
CA GLY B 170 -19.50 -12.84 6.12
C GLY B 170 -19.33 -12.66 7.63
N GLY B 171 -18.12 -12.34 8.07
CA GLY B 171 -17.89 -11.96 9.43
C GLY B 171 -18.79 -10.81 9.83
N ILE B 172 -18.81 -9.78 8.98
CA ILE B 172 -19.75 -8.66 9.03
C ILE B 172 -20.80 -8.88 7.94
N ALA B 173 -22.05 -8.51 8.20
CA ALA B 173 -23.10 -8.70 7.20
C ALA B 173 -23.33 -7.40 6.43
N ASN B 174 -23.61 -7.54 5.14
CA ASN B 174 -23.91 -6.38 4.31
C ASN B 174 -25.10 -6.65 3.37
N ILE B 175 -25.96 -5.64 3.26
CA ILE B 175 -27.06 -5.74 2.33
C ILE B 175 -26.85 -4.79 1.16
N THR B 176 -27.37 -5.21 0.00
CA THR B 176 -27.53 -4.35 -1.18
C THR B 176 -29.02 -4.20 -1.44
N TYR B 177 -29.50 -2.97 -1.56
CA TYR B 177 -30.92 -2.76 -1.89
C TYR B 177 -31.07 -2.45 -3.38
N LEU B 178 -31.82 -3.29 -4.08
CA LEU B 178 -32.06 -3.14 -5.51
C LEU B 178 -33.53 -2.83 -5.77
N PRO B 179 -33.86 -1.53 -5.80
CA PRO B 179 -35.27 -1.13 -5.78
C PRO B 179 -36.09 -1.52 -7.02
N GLY B 180 -35.45 -1.79 -8.15
CA GLY B 180 -36.20 -2.16 -9.36
C GLY B 180 -36.99 -1.01 -10.00
N ASN B 181 -36.60 0.22 -9.66
CA ASN B 181 -37.24 1.44 -10.21
C ASN B 181 -36.22 2.59 -10.36
N SER B 182 -36.65 3.85 -10.29
CA SER B 182 -35.72 4.98 -10.43
C SER B 182 -34.99 5.37 -9.16
N GLU B 183 -35.44 4.84 -8.03
CA GLU B 183 -34.78 5.08 -6.75
C GLU B 183 -33.39 4.48 -6.78
N GLU B 184 -32.49 5.05 -6.00
CA GLU B 184 -31.10 4.61 -6.02
C GLU B 184 -30.83 3.29 -5.27
N VAL B 185 -29.85 2.55 -5.78
CA VAL B 185 -29.25 1.39 -5.14
C VAL B 185 -28.61 1.83 -3.81
N LEU B 186 -28.87 1.06 -2.74
CA LEU B 186 -28.32 1.36 -1.42
C LEU B 186 -27.47 0.17 -1.00
N GLY B 187 -26.57 0.39 -0.04
CA GLY B 187 -25.85 -0.74 0.52
C GLY B 187 -25.02 -0.32 1.71
N PHE B 188 -24.91 -1.23 2.68
CA PHE B 188 -24.21 -0.92 3.92
C PHE B 188 -24.03 -2.17 4.73
N ASP B 189 -23.12 -2.10 5.69
CA ASP B 189 -22.98 -3.13 6.72
C ASP B 189 -24.07 -2.97 7.78
N THR B 190 -24.82 -4.05 8.01
CA THR B 190 -25.88 -4.06 9.00
C THR B 190 -25.31 -4.21 10.43
N GLY B 191 -24.16 -4.88 10.51
CA GLY B 191 -23.53 -5.27 11.78
C GLY B 191 -22.94 -6.66 11.67
N PRO B 192 -22.89 -7.41 12.79
CA PRO B 192 -22.22 -8.72 12.73
C PRO B 192 -22.95 -9.72 11.85
N GLY B 193 -22.17 -10.57 11.17
CA GLY B 193 -22.73 -11.68 10.45
C GLY B 193 -22.36 -12.90 11.24
N ASN B 194 -21.22 -13.50 10.88
CA ASN B 194 -20.75 -14.73 11.49
C ASN B 194 -19.66 -14.50 12.55
N THR B 195 -19.15 -13.27 12.65
CA THR B 195 -17.97 -12.99 13.48
C THR B 195 -18.13 -13.40 14.96
N LEU B 196 -19.27 -13.09 15.56
CA LEU B 196 -19.43 -13.35 17.00
C LEU B 196 -19.83 -14.78 17.28
N ILE B 197 -20.72 -15.34 16.45
CA ILE B 197 -21.10 -16.75 16.60
C ILE B 197 -19.91 -17.67 16.33
N ASP B 198 -19.00 -17.27 15.42
CA ASP B 198 -17.72 -17.97 15.24
C ASP B 198 -16.84 -17.88 16.49
N ALA B 199 -16.67 -16.66 17.00
CA ALA B 199 -15.87 -16.39 18.19
C ALA B 199 -16.34 -17.18 19.42
N TRP B 200 -17.65 -17.26 19.62
CA TRP B 200 -18.17 -17.96 20.79
C TRP B 200 -17.98 -19.48 20.70
N VAL B 201 -18.29 -20.08 19.55
CA VAL B 201 -18.13 -21.54 19.39
C VAL B 201 -16.65 -21.99 19.41
N GLN B 202 -15.77 -21.14 18.90
CA GLN B 202 -14.31 -21.33 19.01
C GLN B 202 -13.85 -21.22 20.47
N GLN B 203 -14.43 -20.29 21.21
CA GLN B 203 -14.13 -20.09 22.62
C GLN B 203 -14.58 -21.29 23.44
N VAL B 204 -15.80 -21.75 23.17
CA VAL B 204 -16.42 -22.79 23.99
C VAL B 204 -16.07 -24.22 23.56
N LYS B 205 -16.22 -24.53 22.26
CA LYS B 205 -16.05 -25.90 21.77
C LYS B 205 -14.69 -26.14 21.12
N ASN B 206 -13.99 -25.06 20.78
CA ASN B 206 -12.71 -25.14 20.06
C ASN B 206 -12.89 -25.70 18.66
N GLU B 207 -14.02 -25.37 18.05
CA GLU B 207 -14.29 -25.61 16.63
C GLU B 207 -14.43 -24.28 15.91
N SER B 208 -14.11 -24.25 14.63
CA SER B 208 -13.99 -22.99 13.89
C SER B 208 -15.33 -22.28 13.65
N TYR B 209 -16.39 -23.08 13.52
CA TYR B 209 -17.74 -22.54 13.34
C TYR B 209 -18.82 -23.52 13.79
N ASP B 210 -20.03 -22.98 13.99
CA ASP B 210 -21.19 -23.75 14.39
C ASP B 210 -21.95 -24.15 13.12
N LYS B 211 -21.74 -25.40 12.73
CA LYS B 211 -22.26 -25.99 11.51
C LYS B 211 -23.79 -25.96 11.48
N ASN B 212 -24.33 -25.20 10.53
CA ASN B 212 -25.75 -25.19 10.26
C ASN B 212 -26.57 -24.56 11.41
N GLY B 213 -25.89 -23.88 12.33
CA GLY B 213 -26.53 -23.21 13.46
C GLY B 213 -27.15 -24.20 14.42
N ALA B 214 -26.61 -25.42 14.42
CA ALA B 214 -27.13 -26.53 15.20
C ALA B 214 -26.97 -26.27 16.69
N TRP B 215 -25.80 -25.75 17.08
CA TRP B 215 -25.57 -25.38 18.46
C TRP B 215 -26.48 -24.22 18.90
N ALA B 216 -26.58 -23.19 18.06
CA ALA B 216 -27.51 -22.10 18.30
C ALA B 216 -28.95 -22.61 18.47
N ALA B 217 -29.35 -23.55 17.61
CA ALA B 217 -30.72 -24.12 17.64
C ALA B 217 -31.04 -24.82 18.95
N SER B 218 -30.04 -25.45 19.57
CA SER B 218 -30.23 -26.18 20.83
C SER B 218 -30.40 -25.24 22.02
N GLY B 219 -30.16 -23.95 21.82
CA GLY B 219 -30.21 -22.96 22.90
C GLY B 219 -31.49 -22.17 22.90
N LYS B 220 -31.67 -21.37 23.94
CA LYS B 220 -32.79 -20.47 24.04
C LYS B 220 -32.28 -19.04 24.23
N THR B 221 -32.70 -18.14 23.35
CA THR B 221 -32.30 -16.75 23.45
C THR B 221 -32.78 -16.08 24.75
N ASP B 222 -31.85 -15.34 25.35
CA ASP B 222 -32.10 -14.53 26.52
C ASP B 222 -32.48 -13.14 26.02
N PRO B 223 -33.75 -12.72 26.23
CA PRO B 223 -34.28 -11.45 25.74
C PRO B 223 -33.55 -10.23 26.29
N GLN B 224 -33.00 -10.35 27.50
CA GLN B 224 -32.26 -9.25 28.12
C GLN B 224 -30.91 -9.06 27.40
N LEU B 225 -30.17 -10.16 27.28
CA LEU B 225 -28.96 -10.18 26.47
C LEU B 225 -29.23 -9.69 25.06
N LEU B 226 -30.29 -10.21 24.42
CA LEU B 226 -30.60 -9.78 23.05
C LEU B 226 -30.80 -8.25 22.98
N ALA B 227 -31.66 -7.72 23.87
CA ALA B 227 -31.92 -6.28 23.95
C ALA B 227 -30.65 -5.46 24.18
N GLN B 228 -29.78 -5.96 25.06
CA GLN B 228 -28.55 -5.25 25.36
C GLN B 228 -27.64 -5.16 24.14
N LEU B 229 -27.43 -6.29 23.44
CA LEU B 229 -26.57 -6.32 22.24
C LEU B 229 -27.08 -5.39 21.12
N LEU B 230 -28.38 -5.42 20.92
CA LEU B 230 -29.04 -4.72 19.86
C LEU B 230 -29.15 -3.21 20.16
N SER B 231 -28.83 -2.81 21.39
CA SER B 231 -28.80 -1.40 21.76
C SER B 231 -27.48 -0.70 21.43
N HIS B 232 -26.53 -1.44 20.90
CA HIS B 232 -25.30 -0.83 20.40
C HIS B 232 -25.63 0.34 19.44
N PRO B 233 -25.02 1.52 19.67
CA PRO B 233 -25.22 2.71 18.83
C PRO B 233 -25.05 2.46 17.32
N TYR B 234 -24.19 1.51 16.94
CA TYR B 234 -23.98 1.20 15.53
C TYR B 234 -25.29 0.90 14.81
N PHE B 235 -26.18 0.17 15.48
CA PHE B 235 -27.47 -0.21 14.89
C PHE B 235 -28.38 0.99 14.60
N SER B 236 -28.14 2.09 15.30
CA SER B 236 -28.94 3.29 15.14
C SER B 236 -28.34 4.32 14.16
N LEU B 237 -27.14 4.06 13.66
CA LEU B 237 -26.50 4.91 12.65
C LEU B 237 -27.22 4.79 11.33
N ALA B 238 -27.32 5.92 10.63
CA ALA B 238 -27.86 5.97 9.29
C ALA B 238 -26.81 5.37 8.33
N TYR B 239 -27.27 4.78 7.23
CA TYR B 239 -26.44 4.45 6.08
C TYR B 239 -26.16 5.75 5.30
N PRO B 240 -25.05 5.81 4.55
CA PRO B 240 -23.95 4.83 4.40
C PRO B 240 -23.19 4.54 5.70
N LYS B 241 -22.85 3.27 5.90
CA LYS B 241 -22.06 2.90 7.07
C LYS B 241 -21.38 1.56 6.82
N SER B 242 -20.14 1.45 7.27
CA SER B 242 -19.51 0.15 7.32
C SER B 242 -18.69 -0.04 8.59
N THR B 243 -18.28 -1.28 8.85
CA THR B 243 -17.48 -1.58 10.01
C THR B 243 -16.60 -2.79 9.71
N GLY B 244 -15.47 -2.88 10.38
CA GLY B 244 -14.61 -4.05 10.28
C GLY B 244 -14.66 -4.85 11.56
N ARG B 245 -13.56 -4.81 12.31
CA ARG B 245 -13.38 -5.60 13.51
C ARG B 245 -13.23 -4.71 14.73
N GLU B 246 -13.37 -3.41 14.52
CA GLU B 246 -13.16 -2.45 15.60
C GLU B 246 -14.33 -2.38 16.60
N LEU B 247 -15.53 -2.83 16.17
CA LEU B 247 -16.74 -2.74 17.01
C LEU B 247 -17.19 -4.11 17.51
N PHE B 248 -17.47 -5.03 16.59
CA PHE B 248 -17.99 -6.35 16.94
C PHE B 248 -16.87 -7.37 16.98
N ASN B 249 -16.28 -7.53 18.15
CA ASN B 249 -15.12 -8.40 18.34
C ASN B 249 -15.18 -9.14 19.67
N GLN B 250 -14.30 -10.13 19.84
CA GLN B 250 -14.22 -10.92 21.05
C GLN B 250 -14.14 -10.05 22.31
N ALA B 251 -13.35 -8.98 22.26
CA ALA B 251 -13.16 -8.08 23.42
C ALA B 251 -14.45 -7.33 23.81
N TRP B 252 -15.18 -6.85 22.82
CA TRP B 252 -16.50 -6.29 23.04
C TRP B 252 -17.52 -7.33 23.56
N LEU B 253 -17.55 -8.50 22.92
CA LEU B 253 -18.41 -9.59 23.34
C LEU B 253 -18.18 -9.95 24.81
N GLU B 254 -16.92 -10.00 25.21
CA GLU B 254 -16.56 -10.40 26.56
C GLU B 254 -17.05 -9.38 27.58
N GLN B 255 -16.91 -8.10 27.26
CA GLN B 255 -17.43 -7.00 28.08
C GLN B 255 -18.97 -7.04 28.21
N GLN B 256 -19.66 -7.29 27.10
CA GLN B 256 -21.13 -7.46 27.02
C GLN B 256 -21.64 -8.63 27.86
N LEU B 257 -20.86 -9.71 27.88
CA LEU B 257 -21.22 -10.92 28.60
C LEU B 257 -20.88 -10.86 30.07
N SER B 258 -20.13 -9.84 30.49
CA SER B 258 -19.59 -9.84 31.85
C SER B 258 -20.62 -9.90 32.99
N ALA B 259 -21.86 -9.47 32.74
CA ALA B 259 -22.98 -9.63 33.74
C ALA B 259 -23.71 -10.97 33.64
N PHE B 260 -23.67 -11.55 32.46
CA PHE B 260 -24.28 -12.84 32.17
C PHE B 260 -23.25 -14.00 32.26
N ASN B 261 -22.36 -13.97 33.26
CA ASN B 261 -21.39 -15.06 33.49
C ASN B 261 -22.04 -16.44 33.80
N GLN B 262 -23.30 -16.44 34.26
CA GLN B 262 -23.99 -17.72 34.50
C GLN B 262 -25.07 -18.14 33.49
N LEU B 263 -25.07 -17.54 32.31
CA LEU B 263 -25.90 -18.04 31.22
C LEU B 263 -25.33 -19.32 30.64
N ASN B 264 -26.21 -20.24 30.23
CA ASN B 264 -25.82 -21.44 29.47
C ASN B 264 -25.16 -21.03 28.15
N GLU B 265 -24.11 -21.73 27.75
CA GLU B 265 -23.35 -21.38 26.54
C GLU B 265 -24.16 -21.43 25.24
N GLU B 266 -25.04 -22.42 25.10
CA GLU B 266 -26.02 -22.55 24.00
C GLU B 266 -26.99 -21.38 23.92
N ASP B 267 -27.39 -20.87 25.09
CA ASP B 267 -28.29 -19.72 25.17
C ASP B 267 -27.61 -18.45 24.67
N ILE B 268 -26.36 -18.24 25.08
CA ILE B 268 -25.52 -17.17 24.47
C ILE B 268 -25.40 -17.35 22.95
N GLN B 269 -25.12 -18.57 22.48
CA GLN B 269 -24.97 -18.80 21.03
C GLN B 269 -26.24 -18.40 20.29
N SER B 270 -27.38 -18.90 20.78
CA SER B 270 -28.71 -18.60 20.22
C SER B 270 -28.99 -17.10 20.21
N THR B 271 -28.67 -16.43 21.33
CA THR B 271 -28.79 -14.97 21.42
C THR B 271 -27.90 -14.25 20.40
N LEU B 272 -26.66 -14.70 20.26
CA LEU B 272 -25.75 -14.15 19.24
C LEU B 272 -26.22 -14.33 17.78
N LEU B 273 -26.81 -15.49 17.49
CA LEU B 273 -27.42 -15.72 16.18
C LEU B 273 -28.56 -14.72 15.96
N ASP B 274 -29.42 -14.57 16.97
CA ASP B 274 -30.53 -13.63 16.93
C ASP B 274 -30.09 -12.19 16.77
N LEU B 275 -28.93 -11.83 17.34
CA LEU B 275 -28.35 -10.51 17.13
C LEU B 275 -28.11 -10.24 15.64
N THR B 276 -27.51 -11.23 14.97
CA THR B 276 -27.32 -11.19 13.50
C THR B 276 -28.68 -11.11 12.77
N CYS B 277 -29.58 -12.02 13.09
CA CYS B 277 -30.86 -12.10 12.40
C CYS B 277 -31.72 -10.86 12.56
N HIS B 278 -31.87 -10.43 13.82
CA HIS B 278 -32.66 -9.28 14.16
C HIS B 278 -32.12 -7.98 13.61
N SER B 279 -30.82 -7.77 13.67
CA SER B 279 -30.24 -6.53 13.17
C SER B 279 -30.34 -6.44 11.63
N ILE B 280 -30.20 -7.59 10.95
CA ILE B 280 -30.36 -7.67 9.50
C ILE B 280 -31.81 -7.40 9.13
N ALA B 281 -32.72 -8.18 9.71
CA ALA B 281 -34.17 -8.02 9.44
C ALA B 281 -34.67 -6.58 9.70
N GLN B 282 -34.28 -5.99 10.82
CA GLN B 282 -34.63 -4.60 11.10
C GLN B 282 -34.25 -3.63 9.99
N ASP B 283 -33.05 -3.77 9.46
CA ASP B 283 -32.58 -2.93 8.36
C ASP B 283 -33.28 -3.23 7.05
N ILE B 284 -33.47 -4.51 6.73
CA ILE B 284 -34.23 -4.88 5.54
C ILE B 284 -35.66 -4.30 5.60
N LEU B 285 -36.35 -4.44 6.74
CA LEU B 285 -37.72 -3.94 6.85
C LEU B 285 -37.87 -2.43 6.73
N LYS B 286 -36.86 -1.67 7.15
CA LYS B 286 -36.85 -0.22 6.94
C LYS B 286 -36.77 0.16 5.46
N LEU B 287 -36.15 -0.71 4.66
CA LEU B 287 -36.05 -0.51 3.21
C LEU B 287 -37.34 -0.88 2.46
N ALA B 288 -37.88 -2.06 2.76
CA ALA B 288 -39.11 -2.57 2.15
C ALA B 288 -39.62 -3.70 3.03
N GLN B 289 -40.94 -3.75 3.19
CA GLN B 289 -41.56 -4.75 4.04
C GLN B 289 -41.84 -6.02 3.29
N GLU B 290 -41.83 -5.92 1.97
CA GLU B 290 -42.08 -7.05 1.08
C GLU B 290 -41.10 -7.00 -0.08
N GLY B 291 -40.63 -8.17 -0.49
CA GLY B 291 -39.77 -8.25 -1.65
C GLY B 291 -39.16 -9.62 -1.78
N GLU B 292 -38.01 -9.65 -2.41
CA GLU B 292 -37.26 -10.87 -2.64
C GLU B 292 -35.87 -10.73 -2.02
N LEU B 293 -35.46 -11.74 -1.25
CA LEU B 293 -34.15 -11.75 -0.57
C LEU B 293 -33.26 -12.86 -1.12
N PHE B 294 -32.04 -12.49 -1.51
CA PHE B 294 -31.06 -13.45 -2.01
C PHE B 294 -29.81 -13.41 -1.14
N VAL B 295 -29.51 -14.53 -0.50
CA VAL B 295 -28.41 -14.60 0.48
C VAL B 295 -27.18 -15.23 -0.15
N CYS B 296 -26.02 -14.65 0.14
CA CYS B 296 -24.73 -15.24 -0.19
C CYS B 296 -23.72 -15.15 0.98
N GLY B 297 -22.52 -15.70 0.80
CA GLY B 297 -21.51 -15.80 1.86
C GLY B 297 -21.78 -17.01 2.75
N GLY B 298 -20.93 -17.23 3.75
CA GLY B 298 -21.08 -18.40 4.65
C GLY B 298 -22.43 -18.57 5.36
N GLY B 299 -23.06 -17.44 5.71
CA GLY B 299 -24.37 -17.45 6.35
C GLY B 299 -25.48 -18.12 5.54
N ALA B 300 -25.35 -18.08 4.21
CA ALA B 300 -26.36 -18.65 3.31
C ALA B 300 -26.56 -20.14 3.55
N PHE B 301 -25.56 -20.79 4.14
CA PHE B 301 -25.58 -22.24 4.38
C PHE B 301 -26.02 -22.59 5.79
N ASN B 302 -26.15 -21.60 6.65
CA ASN B 302 -26.64 -21.79 7.99
C ASN B 302 -28.18 -21.95 8.03
N ALA B 303 -28.63 -23.19 8.14
CA ALA B 303 -30.08 -23.51 8.14
C ALA B 303 -30.89 -22.81 9.22
N GLU B 304 -30.36 -22.79 10.45
CA GLU B 304 -31.02 -22.13 11.58
C GLU B 304 -31.16 -20.62 11.35
N LEU B 305 -30.07 -19.99 10.92
CA LEU B 305 -30.07 -18.59 10.53
C LEU B 305 -31.11 -18.29 9.42
N MSE B 306 -31.06 -19.07 8.35
CA MSE B 306 -31.99 -18.93 7.23
C MSE B 306 -33.46 -19.02 7.70
O MSE B 306 -34.32 -18.24 7.29
CB MSE B 306 -31.66 -19.93 6.13
CG MSE B 306 -30.34 -19.61 5.41
SE MSE B 306 -30.28 -17.82 4.58
CE MSE B 306 -31.25 -18.31 2.94
N GLN B 307 -33.71 -19.98 8.59
CA GLN B 307 -35.04 -20.20 9.13
C GLN B 307 -35.50 -19.03 10.02
N ARG B 308 -34.59 -18.52 10.88
CA ARG B 308 -34.92 -17.39 11.75
C ARG B 308 -35.18 -16.12 10.95
N LEU B 309 -34.39 -15.94 9.89
CA LEU B 309 -34.53 -14.80 9.01
C LEU B 309 -35.87 -14.84 8.28
N ALA B 310 -36.22 -16.00 7.75
CA ALA B 310 -37.52 -16.22 7.12
C ALA B 310 -38.69 -15.83 8.02
N ALA B 311 -38.64 -16.25 9.29
CA ALA B 311 -39.69 -15.92 10.26
C ALA B 311 -39.75 -14.43 10.56
N LEU B 312 -38.64 -13.72 10.44
CA LEU B 312 -38.62 -12.28 10.74
C LEU B 312 -39.07 -11.44 9.54
N LEU B 313 -39.13 -12.08 8.37
CA LEU B 313 -39.42 -11.41 7.11
C LEU B 313 -40.57 -12.13 6.37
N PRO B 314 -41.78 -12.15 6.97
CA PRO B 314 -42.89 -12.91 6.34
C PRO B 314 -43.28 -12.38 4.95
N GLY B 315 -43.05 -11.08 4.72
CA GLY B 315 -43.29 -10.45 3.44
C GLY B 315 -42.26 -10.76 2.37
N TYR B 316 -41.23 -11.54 2.71
CA TYR B 316 -40.14 -11.81 1.78
C TYR B 316 -40.13 -13.23 1.28
N ARG B 317 -39.80 -13.36 0.00
CA ARG B 317 -39.39 -14.64 -0.58
C ARG B 317 -37.90 -14.72 -0.34
N ILE B 318 -37.44 -15.85 0.20
CA ILE B 318 -36.03 -15.99 0.58
C ILE B 318 -35.35 -17.15 -0.14
N ASP B 319 -34.16 -16.88 -0.67
CA ASP B 319 -33.36 -17.89 -1.34
C ASP B 319 -31.91 -17.49 -1.26
N THR B 320 -31.02 -18.36 -1.74
CA THR B 320 -29.62 -17.98 -1.94
C THR B 320 -29.50 -17.38 -3.34
N THR B 321 -28.35 -16.82 -3.66
CA THR B 321 -28.08 -16.24 -4.97
C THR B 321 -28.07 -17.30 -6.12
N SER B 322 -28.02 -18.60 -5.81
CA SER B 322 -28.09 -19.58 -6.91
C SER B 322 -29.45 -19.61 -7.58
N ALA B 323 -30.50 -19.13 -6.90
CA ALA B 323 -31.78 -18.86 -7.54
C ALA B 323 -31.63 -17.90 -8.73
N LEU B 324 -30.58 -17.08 -8.69
CA LEU B 324 -30.24 -16.13 -9.77
C LEU B 324 -28.98 -16.54 -10.53
N GLY B 325 -28.59 -17.80 -10.41
CA GLY B 325 -27.44 -18.34 -11.15
C GLY B 325 -26.03 -17.95 -10.68
N VAL B 326 -25.88 -17.52 -9.44
CA VAL B 326 -24.54 -17.25 -8.89
C VAL B 326 -24.34 -18.03 -7.58
N ASP B 327 -23.33 -18.90 -7.54
CA ASP B 327 -23.04 -19.73 -6.38
C ASP B 327 -22.74 -18.79 -5.18
N PRO B 328 -23.53 -18.90 -4.07
CA PRO B 328 -23.36 -18.00 -2.92
C PRO B 328 -21.99 -18.12 -2.21
N LYS B 329 -21.29 -19.23 -2.44
CA LYS B 329 -19.94 -19.40 -1.95
C LYS B 329 -18.93 -18.53 -2.73
N TRP B 330 -19.21 -18.33 -4.02
CA TRP B 330 -18.26 -17.69 -4.92
C TRP B 330 -18.66 -16.29 -5.36
N ALA B 331 -19.86 -15.85 -4.97
CA ALA B 331 -20.38 -14.52 -5.34
C ALA B 331 -19.37 -13.39 -5.06
N GLU B 332 -18.70 -13.43 -3.92
CA GLU B 332 -17.77 -12.38 -3.55
C GLU B 332 -16.50 -12.36 -4.41
N GLY B 333 -15.94 -13.54 -4.66
CA GLY B 333 -14.80 -13.66 -5.55
C GLY B 333 -15.10 -13.16 -6.95
N ILE B 334 -16.30 -13.47 -7.46
CA ILE B 334 -16.76 -13.04 -8.79
C ILE B 334 -16.84 -11.51 -8.86
N ALA B 335 -17.37 -10.87 -7.83
CA ALA B 335 -17.38 -9.40 -7.73
C ALA B 335 -15.98 -8.77 -7.86
N PHE B 336 -14.96 -9.37 -7.22
CA PHE B 336 -13.58 -8.84 -7.37
C PHE B 336 -12.94 -9.01 -8.74
N ALA B 337 -13.25 -10.12 -9.41
CA ALA B 337 -12.93 -10.30 -10.83
C ALA B 337 -13.61 -9.21 -11.68
N TRP B 338 -14.86 -8.89 -11.33
CA TRP B 338 -15.65 -7.89 -12.05
C TRP B 338 -15.04 -6.48 -11.88
N LEU B 339 -14.51 -6.21 -10.68
CA LEU B 339 -13.85 -4.95 -10.38
C LEU B 339 -12.57 -4.77 -11.19
N ALA B 340 -11.84 -5.87 -11.42
CA ALA B 340 -10.68 -5.85 -12.33
C ALA B 340 -11.13 -5.51 -13.75
N MSE B 341 -12.18 -6.18 -14.20
CA MSE B 341 -12.77 -5.94 -15.51
C MSE B 341 -13.21 -4.48 -15.67
O MSE B 341 -12.93 -3.88 -16.69
CB MSE B 341 -13.90 -6.97 -15.74
CG MSE B 341 -14.55 -7.01 -17.14
SE MSE B 341 -16.04 -5.78 -17.15
CE MSE B 341 -17.38 -6.98 -16.39
N ARG B 342 -13.86 -3.91 -14.65
CA ARG B 342 -14.30 -2.51 -14.73
C ARG B 342 -13.13 -1.54 -14.92
N TYR B 343 -12.09 -1.68 -14.09
CA TYR B 343 -10.85 -0.93 -14.25
C TYR B 343 -10.30 -1.09 -15.66
N GLN B 344 -10.24 -2.35 -16.12
CA GLN B 344 -9.70 -2.65 -17.43
C GLN B 344 -10.50 -1.90 -18.52
N LEU B 345 -11.80 -1.75 -18.32
CA LEU B 345 -12.66 -1.10 -19.31
C LEU B 345 -12.76 0.41 -19.15
N GLY B 346 -12.08 0.96 -18.14
CA GLY B 346 -12.17 2.40 -17.87
C GLY B 346 -13.50 2.80 -17.24
N LEU B 347 -14.10 1.90 -16.47
CA LEU B 347 -15.46 2.16 -15.93
C LEU B 347 -15.47 2.27 -14.41
N PRO B 348 -16.36 3.12 -13.86
CA PRO B 348 -16.39 3.24 -12.39
C PRO B 348 -17.09 2.01 -11.75
N ALA B 349 -16.94 1.83 -10.45
CA ALA B 349 -17.61 0.71 -9.81
C ALA B 349 -18.28 1.03 -8.47
N ASN B 350 -17.89 2.14 -7.82
CA ASN B 350 -18.54 2.56 -6.57
C ASN B 350 -19.78 3.40 -6.82
N LEU B 351 -20.62 3.55 -5.78
CA LEU B 351 -21.85 4.30 -5.88
C LEU B 351 -22.00 5.26 -4.68
N PRO B 352 -22.06 6.59 -4.94
CA PRO B 352 -22.31 7.61 -3.93
C PRO B 352 -23.38 7.27 -2.90
N ALA B 353 -24.55 6.81 -3.34
CA ALA B 353 -25.65 6.54 -2.43
C ALA B 353 -25.36 5.33 -1.52
N VAL B 354 -24.44 4.47 -1.97
CA VAL B 354 -24.02 3.29 -1.20
C VAL B 354 -22.93 3.65 -0.18
N THR B 355 -21.85 4.29 -0.65
CA THR B 355 -20.68 4.46 0.20
C THR B 355 -20.57 5.85 0.83
N GLY B 356 -21.26 6.84 0.28
CA GLY B 356 -21.08 8.22 0.69
C GLY B 356 -20.01 8.97 -0.07
N ALA B 357 -19.32 8.29 -0.99
CA ALA B 357 -18.39 8.94 -1.90
C ALA B 357 -19.07 10.09 -2.64
N SER B 358 -18.30 11.10 -3.06
CA SER B 358 -18.89 12.29 -3.63
C SER B 358 -19.25 12.05 -5.13
N ARG B 359 -18.68 10.98 -5.71
CA ARG B 359 -18.90 10.65 -7.10
C ARG B 359 -18.46 9.20 -7.37
N GLU B 360 -18.96 8.67 -8.48
CA GLU B 360 -18.50 7.42 -9.10
C GLU B 360 -17.09 7.59 -9.62
N ALA B 361 -16.26 6.58 -9.38
CA ALA B 361 -14.87 6.64 -9.75
C ALA B 361 -14.37 5.25 -10.15
N ILE B 362 -13.27 5.24 -10.88
CA ILE B 362 -12.51 4.03 -11.14
C ILE B 362 -11.66 3.64 -9.92
N LEU B 363 -11.87 2.42 -9.46
CA LEU B 363 -11.29 1.89 -8.26
C LEU B 363 -10.14 0.95 -8.59
N GLY B 364 -9.08 0.99 -7.77
CA GLY B 364 -7.99 0.02 -7.84
C GLY B 364 -6.77 0.63 -8.51
N GLY B 365 -5.66 -0.07 -8.38
CA GLY B 365 -4.44 0.29 -9.07
C GLY B 365 -3.98 -0.87 -9.91
N ARG B 366 -3.36 -0.59 -11.05
CA ARG B 366 -2.86 -1.66 -11.94
C ARG B 366 -1.35 -1.92 -11.80
N PHE B 367 -1.03 -3.17 -11.54
CA PHE B 367 0.34 -3.62 -11.39
C PHE B 367 0.66 -4.61 -12.53
N SER B 368 1.65 -4.24 -13.33
CA SER B 368 2.01 -4.96 -14.53
C SER B 368 2.80 -6.21 -14.21
N ALA B 369 2.45 -7.31 -14.88
CA ALA B 369 3.25 -8.54 -14.77
C ALA B 369 4.57 -8.48 -15.58
N LYS B 370 4.70 -7.44 -16.41
CA LYS B 370 5.89 -7.29 -17.28
C LYS B 370 7.11 -6.72 -16.53
CL CL C . 16.79 5.62 -5.90
CL CL D . 0.02 11.41 14.39
CL CL E . -11.49 13.18 2.08
C1 SIN F . -13.73 -4.96 4.99
O1 SIN F . -13.57 -5.00 6.23
O2 SIN F . -12.85 -5.51 4.27
C2 SIN F . -14.94 -4.27 4.40
C3 SIN F . -15.93 -3.81 5.47
C4 SIN F . -16.66 -4.99 6.09
O3 SIN F . -17.88 -5.19 5.83
O4 SIN F . -16.08 -5.80 6.86
C1 SIN G . 14.82 4.59 0.74
O1 SIN G . 13.76 5.24 0.55
O2 SIN G . 15.25 4.43 1.92
C2 SIN G . 15.59 4.00 -0.45
C3 SIN G . 16.85 3.23 -0.06
C4 SIN G . 17.93 4.19 0.43
O3 SIN G . 17.93 4.59 1.63
O4 SIN G . 18.82 4.61 -0.34
CL CL H . -17.69 -5.25 -0.43
CL CL I . 4.93 -13.29 11.93
CL CL J . 11.24 -13.29 -3.65
#